data_1U7N
#
_entry.id   1U7N
#
_cell.length_a   62.362
_cell.length_b   82.423
_cell.length_c   147.237
_cell.angle_alpha   90.00
_cell.angle_beta   90.00
_cell.angle_gamma   90.00
#
_symmetry.space_group_name_H-M   'P 21 21 21'
#
loop_
_entity.id
_entity.type
_entity.pdbx_description
1 polymer 'Fatty acid/phospholipid synthesis protein plsX'
2 non-polymer 1,2-ETHANEDIOL
3 non-polymer ETHANOL
4 water water
#
_entity_poly.entity_id   1
_entity_poly.type   'polypeptide(L)'
_entity_poly.pdbx_seq_one_letter_code
;SNA(MSE)KIAVDA(MSE)GGDNAPQAIVEGV(MSE)LAKQDFPDIEFQLYGKEAEIKKYITDEKNITIIHTDEKIASDD
EPVKAIRRKKTAS(MSE)VLAAQAVKNGEADAIFSAGNTGALLAAGLFIVGRIKNVERPGL(MSE)STLPV(MSE)GEPD
KGFD(MSE)LDLGANADNKPEHLVQYAVLGSFYAEKVRNVQNPRVGLLNNGTEETKGSELTKKAFELLAADETINFVGNV
EARELLNGVADVVVTDGFTGNAVLKSIEGTA(MSE)N(MSE)(MSE)SLLKTAILSEGVKGKMGALLLKNALHG(MSE)K
DE(MSE)DYSKHGGAVLFGLKAPVIKTHGATGPDAVRYTIRQIHT(MSE)LETQVVPQLVEYYEGKAE
;
_entity_poly.pdbx_strand_id   A,B
#
loop_
_chem_comp.id
_chem_comp.type
_chem_comp.name
_chem_comp.formula
EDO non-polymer 1,2-ETHANEDIOL 'C2 H6 O2'
EOH non-polymer ETHANOL 'C2 H6 O'
#
# COMPACT_ATOMS: atom_id res chain seq x y z
N MSE A 4 5.86 29.72 -24.90
CA MSE A 4 6.11 28.54 -24.00
C MSE A 4 7.58 28.39 -23.56
O MSE A 4 8.46 28.18 -24.40
CB MSE A 4 5.63 27.26 -24.68
CG MSE A 4 5.30 26.11 -23.77
SE MSE A 4 3.96 24.91 -24.63
CE MSE A 4 2.43 26.03 -24.78
N LYS A 5 7.81 28.49 -22.25
CA LYS A 5 9.15 28.38 -21.67
C LYS A 5 9.18 27.43 -20.46
N ILE A 6 10.16 26.53 -20.44
CA ILE A 6 10.25 25.56 -19.37
C ILE A 6 11.61 25.70 -18.67
N ALA A 7 11.59 25.88 -17.36
CA ALA A 7 12.79 25.87 -16.54
C ALA A 7 13.08 24.41 -16.13
N VAL A 8 14.33 24.00 -16.28
CA VAL A 8 14.75 22.63 -16.14
C VAL A 8 15.88 22.57 -15.10
N ASP A 9 15.65 21.84 -14.01
CA ASP A 9 16.71 21.45 -13.10
C ASP A 9 17.53 20.37 -13.81
N ALA A 10 18.68 20.75 -14.34
CA ALA A 10 19.52 19.82 -15.10
C ALA A 10 20.31 18.88 -14.20
N MSE A 11 20.40 19.17 -12.91
CA MSE A 11 21.31 18.43 -12.03
C MSE A 11 20.64 17.35 -11.19
O MSE A 11 21.32 16.49 -10.65
CB MSE A 11 22.09 19.40 -11.13
CG MSE A 11 22.78 20.55 -11.88
SE MSE A 11 24.00 19.88 -13.30
CE MSE A 11 25.27 18.90 -12.15
N GLY A 12 19.31 17.37 -11.13
CA GLY A 12 18.58 16.38 -10.34
C GLY A 12 18.30 15.08 -11.06
N GLY A 13 18.55 13.97 -10.37
CA GLY A 13 18.37 12.64 -10.95
C GLY A 13 19.64 11.81 -10.91
N ASP A 14 19.47 10.50 -10.73
CA ASP A 14 20.59 9.56 -10.77
C ASP A 14 21.42 9.67 -12.04
N ASN A 15 20.77 10.01 -13.16
CA ASN A 15 21.44 10.06 -14.45
C ASN A 15 21.62 11.48 -14.98
N ALA A 16 21.41 12.46 -14.12
CA ALA A 16 21.58 13.89 -14.46
C ALA A 16 23.07 14.32 -14.43
N PRO A 17 23.47 15.29 -15.29
CA PRO A 17 22.67 16.01 -16.29
C PRO A 17 22.42 15.31 -17.62
N GLN A 18 23.04 14.14 -17.83
CA GLN A 18 22.98 13.48 -19.14
C GLN A 18 21.57 13.15 -19.59
N ALA A 19 20.85 12.43 -18.74
CA ALA A 19 19.48 12.02 -19.05
C ALA A 19 18.54 13.21 -19.24
N ILE A 20 18.75 14.27 -18.47
CA ILE A 20 17.88 15.44 -18.53
C ILE A 20 18.04 16.16 -19.86
N VAL A 21 19.28 16.51 -20.17
CA VAL A 21 19.62 17.17 -21.44
C VAL A 21 19.17 16.37 -22.66
N GLU A 22 19.47 15.07 -22.65
CA GLU A 22 19.12 14.18 -23.77
C GLU A 22 17.60 14.09 -23.94
N GLY A 23 16.87 14.08 -22.82
CA GLY A 23 15.41 14.08 -22.84
C GLY A 23 14.85 15.38 -23.40
N VAL A 24 15.51 16.51 -23.12
CA VAL A 24 15.17 17.80 -23.72
C VAL A 24 15.45 17.80 -25.24
N MSE A 25 16.63 17.30 -25.64
CA MSE A 25 16.98 17.11 -27.06
C MSE A 25 15.89 16.40 -27.87
O MSE A 25 15.56 16.80 -28.99
CB MSE A 25 18.31 16.35 -27.21
CG MSE A 25 19.57 17.15 -26.81
SE MSE A 25 19.67 19.02 -27.51
CE MSE A 25 18.88 18.75 -29.18
N LEU A 26 15.34 15.35 -27.28
CA LEU A 26 14.23 14.63 -27.88
C LEU A 26 12.94 15.41 -27.90
N ALA A 27 12.70 16.21 -26.85
CA ALA A 27 11.45 16.94 -26.70
C ALA A 27 11.44 18.13 -27.64
N LYS A 28 12.63 18.67 -27.92
CA LYS A 28 12.81 19.77 -28.88
C LYS A 28 12.29 19.39 -30.25
N GLN A 29 12.35 18.10 -30.57
CA GLN A 29 11.89 17.60 -31.84
C GLN A 29 10.38 17.45 -31.85
N ASP A 30 9.80 17.16 -30.68
CA ASP A 30 8.35 17.08 -30.52
C ASP A 30 7.76 18.48 -30.58
N PHE A 31 8.47 19.43 -29.95
CA PHE A 31 7.98 20.77 -29.73
C PHE A 31 9.03 21.81 -30.12
N PRO A 32 9.11 22.11 -31.42
CA PRO A 32 10.10 23.02 -32.02
C PRO A 32 10.15 24.44 -31.45
N ASP A 33 9.05 24.92 -30.89
CA ASP A 33 8.95 26.31 -30.42
C ASP A 33 8.99 26.54 -28.91
N ILE A 34 9.12 25.47 -28.12
CA ILE A 34 9.34 25.59 -26.69
C ILE A 34 10.80 26.00 -26.45
N GLU A 35 10.99 26.96 -25.55
CA GLU A 35 12.32 27.36 -25.13
C GLU A 35 12.59 26.76 -23.74
N PHE A 36 13.77 26.17 -23.60
CA PHE A 36 14.16 25.49 -22.39
C PHE A 36 15.30 26.28 -21.75
N GLN A 37 15.20 26.46 -20.42
CA GLN A 37 16.28 27.03 -19.64
C GLN A 37 16.86 25.90 -18.81
N LEU A 38 18.15 25.64 -18.99
CA LEU A 38 18.78 24.54 -18.29
C LEU A 38 19.63 25.10 -17.18
N TYR A 39 19.27 24.77 -15.95
CA TYR A 39 19.92 25.29 -14.74
C TYR A 39 20.84 24.24 -14.20
N GLY A 40 22.13 24.56 -14.10
CA GLY A 40 23.15 23.59 -13.67
C GLY A 40 24.54 24.09 -14.02
N LYS A 41 25.55 23.25 -13.85
CA LYS A 41 26.91 23.70 -14.24
C LYS A 41 27.06 23.52 -15.75
N GLU A 42 27.33 24.62 -16.45
CA GLU A 42 27.24 24.63 -17.92
C GLU A 42 28.24 23.72 -18.62
N ALA A 43 29.43 23.58 -18.04
CA ALA A 43 30.44 22.66 -18.57
C ALA A 43 29.88 21.24 -18.71
N GLU A 44 29.22 20.72 -17.67
N GLU A 44 29.24 20.73 -17.65
CA GLU A 44 28.66 19.37 -17.71
CA GLU A 44 28.62 19.39 -17.63
C GLU A 44 27.43 19.26 -18.62
C GLU A 44 27.47 19.29 -18.63
N ILE A 45 26.63 20.33 -18.67
CA ILE A 45 25.43 20.39 -19.54
C ILE A 45 25.81 20.41 -21.02
N LYS A 46 26.77 21.28 -21.36
CA LYS A 46 27.24 21.47 -22.75
C LYS A 46 27.71 20.18 -23.40
N LYS A 47 28.28 19.27 -22.62
CA LYS A 47 28.78 17.98 -23.11
C LYS A 47 27.70 17.19 -23.81
N TYR A 48 26.44 17.48 -23.47
CA TYR A 48 25.31 16.68 -23.94
C TYR A 48 24.37 17.42 -24.91
N ILE A 49 24.59 18.72 -25.11
CA ILE A 49 23.78 19.49 -26.03
C ILE A 49 24.14 19.14 -27.47
N THR A 50 23.10 18.81 -28.22
CA THR A 50 23.21 18.21 -29.54
C THR A 50 22.68 19.21 -30.57
N ASP A 51 21.88 20.15 -30.08
CA ASP A 51 21.33 21.25 -30.86
C ASP A 51 21.04 22.43 -29.90
N GLU A 52 21.51 23.62 -30.26
CA GLU A 52 21.51 24.77 -29.34
C GLU A 52 20.27 25.65 -29.45
N LYS A 53 19.37 25.32 -30.37
CA LYS A 53 18.23 26.16 -30.66
C LYS A 53 17.16 26.08 -29.57
N ASN A 54 16.72 27.24 -29.10
CA ASN A 54 15.74 27.33 -28.02
C ASN A 54 16.27 26.77 -26.69
N ILE A 55 17.60 26.83 -26.52
CA ILE A 55 18.25 26.47 -25.28
C ILE A 55 18.96 27.68 -24.71
N THR A 56 18.79 27.93 -23.42
CA THR A 56 19.69 28.83 -22.70
C THR A 56 20.16 28.07 -21.46
N ILE A 57 21.44 28.24 -21.13
CA ILE A 57 22.03 27.66 -19.92
C ILE A 57 22.16 28.75 -18.88
N ILE A 58 21.71 28.44 -17.66
CA ILE A 58 21.96 29.30 -16.52
C ILE A 58 22.92 28.53 -15.60
N HIS A 59 24.17 29.00 -15.56
CA HIS A 59 25.21 28.34 -14.81
C HIS A 59 25.08 28.52 -13.29
N THR A 60 25.28 27.42 -12.59
CA THR A 60 25.48 27.43 -11.15
C THR A 60 26.27 26.17 -10.78
N ASP A 61 27.16 26.32 -9.80
CA ASP A 61 27.88 25.18 -9.26
C ASP A 61 27.15 24.56 -8.07
N GLU A 62 26.11 25.22 -7.58
CA GLU A 62 25.30 24.65 -6.49
C GLU A 62 24.22 23.68 -6.96
N LYS A 63 23.97 22.65 -6.14
CA LYS A 63 22.82 21.78 -6.36
C LYS A 63 22.32 21.24 -5.02
N ILE A 64 21.06 20.84 -4.97
CA ILE A 64 20.49 20.29 -3.74
C ILE A 64 21.06 18.91 -3.44
N ALA A 65 21.57 18.76 -2.23
CA ALA A 65 22.38 17.60 -1.84
C ALA A 65 21.57 16.38 -1.47
N SER A 66 22.27 15.24 -1.47
CA SER A 66 21.78 14.00 -0.88
C SER A 66 22.56 13.74 0.43
N ASP A 67 22.04 14.23 1.54
CA ASP A 67 20.75 14.91 1.58
C ASP A 67 20.70 16.09 2.57
N ASP A 68 20.59 17.30 2.03
CA ASP A 68 20.27 18.45 2.87
C ASP A 68 18.77 18.42 3.15
N GLU A 69 18.38 18.92 4.31
CA GLU A 69 16.98 19.03 4.66
C GLU A 69 16.28 20.09 3.76
N PRO A 70 15.11 19.71 3.19
CA PRO A 70 14.47 20.42 2.08
C PRO A 70 14.11 21.90 2.29
N VAL A 71 13.47 22.26 3.40
CA VAL A 71 13.06 23.65 3.54
C VAL A 71 14.22 24.63 3.80
N LYS A 72 15.20 24.20 4.60
CA LYS A 72 16.43 24.99 4.79
C LYS A 72 17.31 25.06 3.54
N ALA A 73 17.35 24.00 2.73
CA ALA A 73 18.08 24.06 1.44
C ALA A 73 17.45 25.03 0.43
N ILE A 74 16.11 25.08 0.43
CA ILE A 74 15.34 25.98 -0.44
C ILE A 74 15.45 27.45 0.02
N ARG A 75 15.57 27.63 1.32
CA ARG A 75 15.70 28.98 1.86
C ARG A 75 17.13 29.49 1.90
N ARG A 76 18.10 28.59 1.89
CA ARG A 76 19.50 28.98 2.07
C ARG A 76 20.42 28.78 0.88
N LYS A 77 20.26 27.68 0.14
CA LYS A 77 21.01 27.45 -1.11
C LYS A 77 20.31 28.10 -2.28
N LYS A 78 20.34 29.42 -2.30
CA LYS A 78 19.56 30.22 -3.25
C LYS A 78 19.96 30.03 -4.69
N THR A 79 21.12 29.44 -4.91
CA THR A 79 21.65 29.21 -6.25
C THR A 79 21.71 27.72 -6.64
N ALA A 80 21.17 26.84 -5.80
CA ALA A 80 21.01 25.47 -6.25
C ALA A 80 20.17 25.50 -7.51
N SER A 81 20.53 24.63 -8.46
CA SER A 81 19.88 24.55 -9.77
C SER A 81 18.35 24.45 -9.69
N MSE A 82 17.85 23.68 -8.73
CA MSE A 82 16.43 23.49 -8.57
C MSE A 82 15.75 24.78 -8.09
O MSE A 82 14.64 25.12 -8.52
CB MSE A 82 16.12 22.29 -7.64
CG MSE A 82 14.64 21.94 -7.53
SE MSE A 82 14.20 20.99 -5.85
CE MSE A 82 14.99 19.24 -6.32
N VAL A 83 16.42 25.50 -7.21
CA VAL A 83 15.90 26.72 -6.61
C VAL A 83 15.77 27.85 -7.65
N LEU A 84 16.81 28.00 -8.44
CA LEU A 84 16.88 28.95 -9.54
C LEU A 84 15.79 28.70 -10.56
N ALA A 85 15.59 27.41 -10.92
CA ALA A 85 14.56 27.03 -11.89
C ALA A 85 13.18 27.39 -11.40
N ALA A 86 12.93 27.11 -10.12
CA ALA A 86 11.65 27.46 -9.47
C ALA A 86 11.43 28.96 -9.31
N GLN A 87 12.50 29.69 -9.01
CA GLN A 87 12.45 31.14 -8.87
C GLN A 87 12.10 31.78 -10.21
N ALA A 88 12.67 31.23 -11.29
CA ALA A 88 12.40 31.67 -12.66
C ALA A 88 10.90 31.60 -12.98
N VAL A 89 10.26 30.51 -12.57
CA VAL A 89 8.82 30.33 -12.74
C VAL A 89 8.03 31.36 -11.93
N LYS A 90 8.40 31.51 -10.66
CA LYS A 90 7.83 32.53 -9.78
C LYS A 90 7.93 33.93 -10.40
N ASN A 91 9.08 34.24 -10.98
CA ASN A 91 9.34 35.54 -11.60
C ASN A 91 8.61 35.78 -12.92
N GLY A 92 8.11 34.73 -13.55
CA GLY A 92 7.45 34.88 -14.83
C GLY A 92 8.42 34.75 -15.97
N GLU A 93 9.65 34.37 -15.64
CA GLU A 93 10.70 34.09 -16.62
C GLU A 93 10.52 32.71 -17.28
N ALA A 94 9.86 31.80 -16.59
CA ALA A 94 9.45 30.52 -17.18
C ALA A 94 7.98 30.23 -16.79
N ASP A 95 7.36 29.31 -17.52
CA ASP A 95 5.94 28.95 -17.35
C ASP A 95 5.77 27.66 -16.52
N ALA A 96 6.83 26.89 -16.41
CA ALA A 96 6.76 25.60 -15.72
C ALA A 96 8.17 25.12 -15.38
N ILE A 97 8.23 24.22 -14.39
CA ILE A 97 9.48 23.64 -13.95
C ILE A 97 9.30 22.14 -13.73
N PHE A 98 10.34 21.39 -14.07
CA PHE A 98 10.45 20.02 -13.66
C PHE A 98 11.85 19.71 -13.11
N SER A 99 11.89 18.71 -12.24
CA SER A 99 13.11 18.24 -11.68
C SER A 99 12.95 16.76 -11.41
N ALA A 100 14.03 16.01 -11.64
CA ALA A 100 14.09 14.61 -11.25
C ALA A 100 14.84 14.48 -9.92
N GLY A 101 15.15 15.63 -9.31
CA GLY A 101 15.84 15.73 -8.02
C GLY A 101 15.01 15.29 -6.82
N ASN A 102 15.47 15.69 -5.64
CA ASN A 102 14.81 15.29 -4.38
C ASN A 102 13.37 15.81 -4.25
N THR A 103 12.44 14.87 -4.01
CA THR A 103 11.01 15.18 -3.89
C THR A 103 10.68 16.20 -2.79
N GLY A 104 11.20 15.99 -1.59
CA GLY A 104 11.04 16.94 -0.47
C GLY A 104 11.48 18.38 -0.78
N ALA A 105 12.63 18.51 -1.43
CA ALA A 105 13.12 19.83 -1.88
C ALA A 105 12.17 20.50 -2.88
N LEU A 106 11.64 19.72 -3.83
CA LEU A 106 10.73 20.26 -4.85
C LEU A 106 9.39 20.72 -4.26
N LEU A 107 8.88 19.94 -3.31
CA LEU A 107 7.75 20.29 -2.48
C LEU A 107 7.97 21.65 -1.79
N ALA A 108 9.07 21.78 -1.03
CA ALA A 108 9.48 23.05 -0.42
C ALA A 108 9.58 24.22 -1.42
N ALA A 109 10.23 23.98 -2.57
CA ALA A 109 10.34 24.97 -3.66
C ALA A 109 8.96 25.33 -4.17
N GLY A 110 8.11 24.30 -4.34
CA GLY A 110 6.71 24.52 -4.71
C GLY A 110 5.95 25.37 -3.72
N LEU A 111 6.09 25.08 -2.43
CA LEU A 111 5.38 25.85 -1.40
C LEU A 111 5.90 27.28 -1.18
N PHE A 112 7.21 27.44 -1.15
CA PHE A 112 7.78 28.69 -0.66
C PHE A 112 8.38 29.59 -1.72
N ILE A 113 8.48 29.09 -2.95
CA ILE A 113 8.91 29.88 -4.07
C ILE A 113 7.81 30.00 -5.14
N VAL A 114 7.30 28.87 -5.64
CA VAL A 114 6.26 28.92 -6.69
C VAL A 114 4.94 29.48 -6.13
N GLY A 115 4.55 28.98 -4.96
CA GLY A 115 3.35 29.46 -4.29
C GLY A 115 2.14 28.60 -4.56
N ARG A 116 1.28 28.47 -3.56
CA ARG A 116 0.03 27.79 -3.77
C ARG A 116 -1.10 28.73 -4.14
N ILE A 117 -2.01 28.20 -4.91
CA ILE A 117 -3.20 28.92 -5.31
C ILE A 117 -3.91 29.28 -4.00
N LYS A 118 -4.43 30.51 -3.89
CA LYS A 118 -5.18 30.81 -2.68
C LYS A 118 -6.43 29.93 -2.60
N ASN A 119 -6.74 29.51 -1.38
CA ASN A 119 -7.84 28.61 -1.04
C ASN A 119 -7.52 27.14 -1.22
N VAL A 120 -6.35 26.84 -1.76
CA VAL A 120 -5.82 25.47 -1.62
C VAL A 120 -4.71 25.40 -0.57
N GLU A 121 -5.13 24.96 0.61
CA GLU A 121 -4.29 24.89 1.78
C GLU A 121 -3.21 23.82 1.59
N ARG A 122 -3.60 22.68 1.02
CA ARG A 122 -2.66 21.56 0.79
C ARG A 122 -2.63 21.03 -0.64
N PRO A 123 -1.62 21.46 -1.41
CA PRO A 123 -1.35 20.88 -2.73
C PRO A 123 -1.12 19.37 -2.61
N GLY A 124 -1.35 18.63 -3.69
CA GLY A 124 -1.27 17.18 -3.62
C GLY A 124 -0.29 16.67 -4.65
N LEU A 125 0.48 15.65 -4.29
CA LEU A 125 1.32 14.97 -5.27
C LEU A 125 0.46 13.97 -6.04
N MSE A 126 0.33 14.21 -7.33
CA MSE A 126 -0.56 13.44 -8.17
C MSE A 126 0.14 12.78 -9.38
O MSE A 126 0.84 13.46 -10.15
CB MSE A 126 -1.70 14.36 -8.64
CG MSE A 126 -2.74 13.73 -9.58
SE MSE A 126 -3.97 15.14 -10.20
CE MSE A 126 -2.76 16.14 -11.31
N SER A 127 -0.05 11.47 -9.56
CA SER A 127 0.41 10.75 -10.77
C SER A 127 -0.75 10.05 -11.44
N THR A 128 -0.66 9.97 -12.77
CA THR A 128 -1.55 9.14 -13.56
C THR A 128 -1.00 7.72 -13.49
N LEU A 129 -1.78 6.81 -12.95
CA LEU A 129 -1.30 5.45 -12.72
C LEU A 129 -1.92 4.40 -13.70
N PRO A 130 -1.36 3.16 -13.75
CA PRO A 130 -1.82 2.11 -14.70
C PRO A 130 -3.27 1.55 -14.58
N VAL A 131 -3.91 1.35 -15.73
CA VAL A 131 -5.11 0.56 -15.86
C VAL A 131 -4.68 -0.68 -16.67
N MSE A 132 -4.75 -1.83 -16.01
CA MSE A 132 -4.34 -3.11 -16.54
C MSE A 132 -5.02 -3.45 -17.88
O MSE A 132 -6.25 -3.46 -17.95
CB MSE A 132 -4.71 -4.15 -15.49
CG MSE A 132 -3.58 -5.02 -14.99
SE MSE A 132 -1.81 -4.30 -14.57
CE MSE A 132 -2.05 -2.45 -14.31
N GLY A 133 -4.23 -3.68 -18.92
CA GLY A 133 -4.75 -3.96 -20.26
C GLY A 133 -5.09 -2.74 -21.11
N GLU A 134 -5.11 -1.55 -20.52
CA GLU A 134 -5.53 -0.33 -21.19
C GLU A 134 -4.38 0.69 -21.28
N PRO A 135 -3.58 0.62 -22.37
CA PRO A 135 -2.39 1.48 -22.50
C PRO A 135 -2.67 2.98 -22.69
N ASP A 136 -3.88 3.32 -23.10
CA ASP A 136 -4.25 4.71 -23.35
C ASP A 136 -5.27 5.21 -22.32
N LYS A 137 -5.35 4.48 -21.21
CA LYS A 137 -6.10 4.93 -20.03
C LYS A 137 -5.17 4.99 -18.80
N GLY A 138 -5.64 5.66 -17.76
CA GLY A 138 -4.93 5.69 -16.49
C GLY A 138 -5.90 6.16 -15.45
N PHE A 139 -5.42 6.34 -14.22
CA PHE A 139 -6.19 7.03 -13.19
C PHE A 139 -5.30 7.97 -12.40
N ASP A 140 -5.81 9.13 -12.05
CA ASP A 140 -5.06 10.05 -11.21
C ASP A 140 -5.27 9.73 -9.74
N MSE A 141 -4.16 9.63 -9.02
CA MSE A 141 -4.21 9.45 -7.59
C MSE A 141 -3.39 10.51 -6.90
O MSE A 141 -2.32 10.87 -7.35
CB MSE A 141 -3.73 8.04 -7.20
CG MSE A 141 -3.91 7.70 -5.75
SE MSE A 141 -3.72 5.78 -5.44
CE MSE A 141 -1.80 5.49 -5.35
N LEU A 142 -3.93 11.01 -5.78
CA LEU A 142 -3.36 12.08 -4.96
C LEU A 142 -4.07 12.02 -3.62
N ASP A 143 -3.42 12.31 -2.49
CA ASP A 143 -2.03 12.72 -2.38
C ASP A 143 -1.12 11.50 -2.31
N LEU A 144 -0.11 11.48 -3.17
CA LEU A 144 0.94 10.44 -3.18
C LEU A 144 2.13 10.73 -2.27
N GLY A 145 2.13 11.88 -1.60
CA GLY A 145 3.16 12.15 -0.61
C GLY A 145 3.58 13.59 -0.33
N ALA A 146 2.89 14.58 -0.88
CA ALA A 146 3.16 15.97 -0.50
C ALA A 146 2.98 16.15 1.03
N ASN A 147 1.98 15.50 1.60
CA ASN A 147 1.61 15.70 3.01
C ASN A 147 1.69 14.39 3.78
N ALA A 148 2.00 14.44 5.06
CA ALA A 148 2.01 13.23 5.86
C ALA A 148 0.75 13.17 6.72
N ASP A 149 0.05 14.30 6.83
CA ASP A 149 -1.24 14.40 7.51
C ASP A 149 -2.24 15.18 6.68
N ASN A 150 -3.50 14.75 6.69
CA ASN A 150 -4.52 15.46 5.96
C ASN A 150 -5.78 15.57 6.79
N LYS A 151 -6.63 16.52 6.43
CA LYS A 151 -7.94 16.70 7.04
C LYS A 151 -9.00 16.43 5.97
N PRO A 152 -10.25 16.19 6.37
CA PRO A 152 -11.31 15.86 5.39
C PRO A 152 -11.41 16.83 4.22
N GLU A 153 -11.29 18.14 4.52
CA GLU A 153 -11.36 19.19 3.50
C GLU A 153 -10.29 19.10 2.42
N HIS A 154 -9.10 18.57 2.75
CA HIS A 154 -8.03 18.36 1.78
C HIS A 154 -8.36 17.30 0.77
N LEU A 155 -8.92 16.19 1.24
CA LEU A 155 -9.34 15.11 0.35
C LEU A 155 -10.48 15.56 -0.59
N VAL A 156 -11.38 16.41 -0.10
CA VAL A 156 -12.43 16.99 -0.94
C VAL A 156 -11.81 17.83 -2.08
N GLN A 157 -10.88 18.72 -1.75
N GLN A 157 -10.87 18.69 -1.73
CA GLN A 157 -10.21 19.48 -2.79
CA GLN A 157 -10.21 19.49 -2.76
C GLN A 157 -9.35 18.61 -3.69
C GLN A 157 -9.33 18.63 -3.68
N TYR A 158 -8.84 17.49 -3.19
CA TYR A 158 -8.18 16.49 -4.06
C TYR A 158 -9.11 15.96 -5.15
N ALA A 159 -10.37 15.72 -4.80
CA ALA A 159 -11.37 15.28 -5.78
C ALA A 159 -11.57 16.36 -6.84
N VAL A 160 -11.70 17.61 -6.39
CA VAL A 160 -11.89 18.76 -7.27
C VAL A 160 -10.64 18.96 -8.16
N LEU A 161 -9.46 18.95 -7.56
CA LEU A 161 -8.22 19.07 -8.31
C LEU A 161 -8.00 17.93 -9.28
N GLY A 162 -8.08 16.69 -8.78
CA GLY A 162 -7.98 15.53 -9.64
C GLY A 162 -8.94 15.47 -10.83
N SER A 163 -10.21 15.83 -10.59
CA SER A 163 -11.20 15.91 -11.66
C SER A 163 -10.82 16.92 -12.72
N PHE A 164 -10.38 18.11 -12.30
CA PHE A 164 -9.91 19.13 -13.25
C PHE A 164 -8.82 18.59 -14.17
N TYR A 165 -7.87 17.87 -13.60
CA TYR A 165 -6.75 17.38 -14.37
C TYR A 165 -7.17 16.27 -15.32
N ALA A 166 -7.91 15.28 -14.81
CA ALA A 166 -8.41 14.16 -15.61
C ALA A 166 -9.25 14.65 -16.79
N GLU A 167 -10.08 15.65 -16.54
CA GLU A 167 -10.94 16.22 -17.55
C GLU A 167 -10.18 17.12 -18.54
N LYS A 168 -9.52 18.16 -18.04
CA LYS A 168 -8.85 19.13 -18.92
C LYS A 168 -7.56 18.62 -19.57
N VAL A 169 -6.81 17.76 -18.88
CA VAL A 169 -5.48 17.35 -19.36
C VAL A 169 -5.53 15.97 -20.05
N ARG A 170 -6.35 15.06 -19.53
CA ARG A 170 -6.46 13.71 -20.07
C ARG A 170 -7.76 13.41 -20.83
N ASN A 171 -8.65 14.40 -20.96
N ASN A 171 -8.64 14.41 -20.89
CA ASN A 171 -9.91 14.27 -21.73
CA ASN A 171 -9.89 14.33 -21.65
C ASN A 171 -10.95 13.30 -21.18
C ASN A 171 -10.85 13.24 -21.19
N VAL A 172 -10.88 13.01 -19.87
CA VAL A 172 -11.83 12.11 -19.25
C VAL A 172 -13.04 12.93 -18.86
N GLN A 173 -14.16 12.74 -19.55
N GLN A 173 -14.15 12.69 -19.55
CA GLN A 173 -15.31 13.59 -19.27
CA GLN A 173 -15.43 13.37 -19.32
C GLN A 173 -16.11 13.06 -18.10
C GLN A 173 -15.98 12.99 -17.96
N ASN A 174 -16.48 13.99 -17.21
CA ASN A 174 -17.19 13.72 -15.96
C ASN A 174 -16.52 12.60 -15.14
N PRO A 175 -15.22 12.79 -14.78
CA PRO A 175 -14.43 11.65 -14.32
C PRO A 175 -14.94 11.05 -12.99
N ARG A 176 -14.90 9.72 -12.88
CA ARG A 176 -15.34 9.02 -11.66
C ARG A 176 -14.34 9.21 -10.56
N VAL A 177 -14.80 9.77 -9.45
CA VAL A 177 -13.98 10.03 -8.27
C VAL A 177 -14.26 9.01 -7.17
N GLY A 178 -13.24 8.27 -6.81
CA GLY A 178 -13.36 7.29 -5.74
C GLY A 178 -12.50 7.70 -4.56
N LEU A 179 -12.95 7.30 -3.38
CA LEU A 179 -12.25 7.50 -2.12
C LEU A 179 -11.63 6.19 -1.71
N LEU A 180 -10.31 6.20 -1.56
CA LEU A 180 -9.60 5.04 -1.07
C LEU A 180 -9.98 4.79 0.38
N ASN A 181 -10.50 3.60 0.66
CA ASN A 181 -11.02 3.31 1.98
C ASN A 181 -10.72 1.87 2.34
N ASN A 182 -11.15 1.44 3.51
CA ASN A 182 -10.81 0.11 3.99
C ASN A 182 -11.98 -0.86 3.87
N GLY A 183 -12.88 -0.59 2.93
CA GLY A 183 -14.06 -1.42 2.65
C GLY A 183 -15.11 -0.69 1.81
N THR A 184 -16.17 -1.40 1.44
CA THR A 184 -17.21 -0.92 0.50
C THR A 184 -18.09 0.21 1.06
N GLY A 189 -14.64 3.19 7.67
CA GLY A 189 -13.33 3.84 7.45
C GLY A 189 -12.80 4.55 8.68
N SER A 190 -11.69 5.26 8.51
CA SER A 190 -11.10 6.04 9.59
C SER A 190 -11.98 7.26 9.89
N GLU A 191 -11.66 8.01 10.96
CA GLU A 191 -12.37 9.26 11.19
C GLU A 191 -12.21 10.23 10.00
N LEU A 192 -11.02 10.22 9.39
CA LEU A 192 -10.77 10.97 8.16
C LEU A 192 -11.65 10.55 6.97
N THR A 193 -11.64 9.28 6.60
CA THR A 193 -12.36 8.84 5.38
C THR A 193 -13.87 8.89 5.56
N LYS A 194 -14.30 8.69 6.80
CA LYS A 194 -15.70 8.83 7.17
C LYS A 194 -16.24 10.20 6.82
N LYS A 195 -15.54 11.22 7.29
CA LYS A 195 -15.90 12.60 7.06
C LYS A 195 -15.71 12.99 5.62
N ALA A 196 -14.63 12.56 4.99
CA ALA A 196 -14.44 12.85 3.56
C ALA A 196 -15.55 12.24 2.71
N PHE A 197 -15.96 11.00 3.00
CA PHE A 197 -17.09 10.37 2.28
C PHE A 197 -18.33 11.26 2.35
N GLU A 198 -18.70 11.68 3.55
CA GLU A 198 -19.88 12.53 3.76
C GLU A 198 -19.83 13.85 2.96
N LEU A 199 -18.69 14.53 2.99
CA LEU A 199 -18.54 15.77 2.23
C LEU A 199 -18.58 15.51 0.74
N LEU A 200 -17.95 14.43 0.31
CA LEU A 200 -17.90 14.11 -1.10
C LEU A 200 -19.27 13.70 -1.66
N ALA A 201 -20.02 12.92 -0.90
CA ALA A 201 -21.37 12.50 -1.32
C ALA A 201 -22.37 13.66 -1.38
N ALA A 202 -22.10 14.73 -0.64
CA ALA A 202 -22.98 15.91 -0.56
C ALA A 202 -22.76 16.91 -1.71
N ASP A 203 -21.64 16.79 -2.41
CA ASP A 203 -21.29 17.72 -3.47
C ASP A 203 -21.72 17.22 -4.86
N GLU A 204 -22.74 17.87 -5.44
CA GLU A 204 -23.27 17.42 -6.74
C GLU A 204 -22.33 17.70 -7.91
N THR A 205 -21.37 18.61 -7.73
CA THR A 205 -20.41 18.99 -8.80
C THR A 205 -19.21 18.02 -8.96
N ILE A 206 -19.17 17.02 -8.09
CA ILE A 206 -18.18 15.96 -8.10
C ILE A 206 -18.94 14.67 -8.47
N ASN A 207 -18.49 13.96 -9.49
CA ASN A 207 -19.00 12.62 -9.80
C ASN A 207 -18.39 11.57 -8.85
N PHE A 208 -18.89 11.54 -7.63
CA PHE A 208 -18.37 10.67 -6.61
C PHE A 208 -18.99 9.29 -6.68
N VAL A 209 -18.12 8.30 -6.71
CA VAL A 209 -18.50 6.95 -7.03
C VAL A 209 -18.41 6.07 -5.77
N GLY A 210 -18.11 6.70 -4.63
CA GLY A 210 -18.00 5.97 -3.39
C GLY A 210 -16.59 5.49 -3.07
N ASN A 211 -16.54 4.49 -2.21
CA ASN A 211 -15.30 3.92 -1.73
C ASN A 211 -14.68 3.00 -2.77
N VAL A 212 -13.35 3.06 -2.89
CA VAL A 212 -12.61 2.11 -3.70
C VAL A 212 -11.65 1.28 -2.84
N GLU A 213 -11.43 0.06 -3.28
CA GLU A 213 -10.64 -0.92 -2.57
C GLU A 213 -9.23 -0.91 -3.15
N ALA A 214 -8.19 -0.91 -2.31
CA ALA A 214 -6.79 -0.98 -2.79
C ALA A 214 -6.45 -2.20 -3.68
N ARG A 215 -7.16 -3.29 -3.48
CA ARG A 215 -6.90 -4.53 -4.23
C ARG A 215 -7.21 -4.36 -5.71
N GLU A 216 -8.09 -3.43 -6.05
N GLU A 216 -8.07 -3.38 -5.99
CA GLU A 216 -8.51 -3.29 -7.43
CA GLU A 216 -8.70 -3.18 -7.28
C GLU A 216 -7.98 -2.04 -8.14
C GLU A 216 -8.22 -1.90 -7.98
N LEU A 217 -7.21 -1.23 -7.43
CA LEU A 217 -6.76 0.06 -7.96
C LEU A 217 -6.24 0.03 -9.39
N LEU A 218 -5.53 -1.05 -9.73
CA LEU A 218 -4.92 -1.20 -11.07
C LEU A 218 -5.91 -1.64 -12.14
N ASN A 219 -7.18 -1.83 -11.75
CA ASN A 219 -8.22 -2.36 -12.65
C ASN A 219 -9.31 -1.36 -13.03
N GLY A 220 -8.98 -0.08 -13.01
CA GLY A 220 -9.84 0.95 -13.57
C GLY A 220 -11.12 1.19 -12.81
N VAL A 221 -11.08 1.13 -11.48
CA VAL A 221 -12.29 1.34 -10.67
C VAL A 221 -12.75 2.81 -10.56
N ALA A 222 -11.86 3.73 -10.87
CA ALA A 222 -12.21 5.14 -10.88
C ALA A 222 -11.22 5.92 -11.75
N ASP A 223 -11.58 7.12 -12.15
CA ASP A 223 -10.67 7.93 -12.96
C ASP A 223 -9.73 8.76 -12.07
N VAL A 224 -10.16 9.00 -10.85
CA VAL A 224 -9.47 9.82 -9.87
C VAL A 224 -9.69 9.11 -8.55
N VAL A 225 -8.59 8.78 -7.86
CA VAL A 225 -8.64 8.19 -6.55
C VAL A 225 -8.01 9.12 -5.51
N VAL A 226 -8.76 9.38 -4.46
CA VAL A 226 -8.37 10.39 -3.50
C VAL A 226 -7.98 9.72 -2.18
N THR A 227 -6.90 10.19 -1.59
CA THR A 227 -6.43 9.69 -0.30
C THR A 227 -5.54 10.75 0.37
N ASP A 228 -5.18 10.54 1.64
CA ASP A 228 -4.18 11.34 2.31
C ASP A 228 -2.75 10.92 1.89
N GLY A 229 -1.84 11.88 1.97
CA GLY A 229 -0.46 11.67 1.55
C GLY A 229 0.35 10.55 2.16
N PHE A 230 0.06 10.18 3.40
CA PHE A 230 0.73 9.03 4.02
C PHE A 230 0.27 7.66 3.46
N THR A 231 -1.05 7.46 3.39
CA THR A 231 -1.61 6.26 2.78
C THR A 231 -1.27 6.18 1.29
N GLY A 232 -1.39 7.32 0.58
CA GLY A 232 -1.03 7.38 -0.83
C GLY A 232 0.41 6.98 -1.10
N ASN A 233 1.33 7.50 -0.30
CA ASN A 233 2.75 7.11 -0.40
C ASN A 233 2.90 5.60 -0.17
N ALA A 234 2.28 5.08 0.88
CA ALA A 234 2.45 3.69 1.26
C ALA A 234 1.88 2.73 0.22
N VAL A 235 0.71 3.05 -0.31
CA VAL A 235 0.06 2.32 -1.38
C VAL A 235 0.89 2.34 -2.67
N LEU A 236 1.28 3.53 -3.14
CA LEU A 236 2.08 3.62 -4.34
C LEU A 236 3.35 2.74 -4.22
N LYS A 237 4.11 2.92 -3.14
CA LYS A 237 5.36 2.18 -3.01
C LYS A 237 5.20 0.68 -2.76
N SER A 238 4.06 0.29 -2.19
CA SER A 238 3.62 -1.10 -2.05
C SER A 238 3.36 -1.73 -3.39
N ILE A 239 2.62 -1.02 -4.25
CA ILE A 239 2.41 -1.41 -5.63
C ILE A 239 3.74 -1.54 -6.40
N GLU A 240 4.60 -0.51 -6.32
CA GLU A 240 5.87 -0.56 -7.03
C GLU A 240 6.78 -1.70 -6.53
N GLY A 241 6.85 -1.86 -5.20
CA GLY A 241 7.70 -2.90 -4.60
C GLY A 241 7.29 -4.32 -4.95
N THR A 242 5.98 -4.55 -4.97
CA THR A 242 5.40 -5.83 -5.35
C THR A 242 5.64 -6.12 -6.84
N ALA A 243 5.36 -5.13 -7.68
CA ALA A 243 5.61 -5.25 -9.13
C ALA A 243 7.07 -5.59 -9.41
N MSE A 244 8.01 -4.88 -8.76
N MSE A 244 8.01 -4.89 -8.77
CA MSE A 244 9.44 -5.13 -8.99
CA MSE A 244 9.43 -5.15 -9.01
C MSE A 244 9.84 -6.52 -8.49
C MSE A 244 9.88 -6.51 -8.47
O MSE A 244 10.65 -7.18 -9.13
O MSE A 244 10.73 -7.16 -9.06
CB MSE A 244 10.33 -4.05 -8.36
CB MSE A 244 10.36 -4.02 -8.51
CG MSE A 244 9.88 -2.60 -8.54
CG MSE A 244 10.37 -3.76 -7.01
SE MSE A 244 9.98 -1.74 -10.32
SE MSE A 244 12.19 -3.60 -6.29
CE MSE A 244 8.92 -0.12 -9.91
CE MSE A 244 12.65 -5.49 -6.47
N ASN A 245 9.29 -6.94 -7.36
CA ASN A 245 9.54 -8.28 -6.81
C ASN A 245 9.02 -9.43 -7.68
N MSE A 246 7.83 -9.25 -8.27
CA MSE A 246 7.29 -10.19 -9.24
C MSE A 246 8.15 -10.24 -10.50
O MSE A 246 8.43 -11.33 -11.02
CB MSE A 246 5.83 -9.85 -9.60
CG MSE A 246 4.82 -9.92 -8.49
SE MSE A 246 4.82 -11.56 -7.41
CE MSE A 246 6.10 -11.05 -5.97
N MSE A 247 8.57 -9.07 -10.99
CA MSE A 247 9.47 -8.95 -12.15
C MSE A 247 10.85 -9.58 -11.89
O MSE A 247 11.41 -10.19 -12.78
CB MSE A 247 9.64 -7.50 -12.58
CG MSE A 247 8.47 -6.91 -13.36
SE MSE A 247 8.52 -4.94 -13.60
CE MSE A 247 9.88 -4.51 -12.41
N SER A 248 11.37 -9.41 -10.68
CA SER A 248 12.63 -10.06 -10.33
C SER A 248 12.58 -11.57 -10.44
N LEU A 249 11.46 -12.18 -10.03
CA LEU A 249 11.25 -13.63 -10.11
C LEU A 249 11.39 -14.11 -11.56
N LEU A 250 10.80 -13.36 -12.49
CA LEU A 250 10.94 -13.63 -13.91
C LEU A 250 12.38 -13.46 -14.41
N LYS A 251 13.04 -12.37 -14.01
CA LYS A 251 14.43 -12.09 -14.42
C LYS A 251 15.33 -13.26 -14.07
N THR A 252 15.20 -13.77 -12.85
CA THR A 252 16.01 -14.88 -12.34
C THR A 252 15.79 -16.18 -13.12
N ALA A 253 14.55 -16.44 -13.53
CA ALA A 253 14.22 -17.59 -14.38
C ALA A 253 14.75 -17.38 -15.80
N ILE A 254 14.71 -16.14 -16.29
CA ILE A 254 15.26 -15.78 -17.59
C ILE A 254 16.79 -15.95 -17.59
N LEU A 255 17.43 -15.52 -16.50
CA LEU A 255 18.89 -15.62 -16.34
C LEU A 255 19.38 -17.04 -16.03
N SER A 256 18.43 -17.97 -15.85
CA SER A 256 18.78 -19.38 -15.64
C SER A 256 19.17 -20.09 -16.93
N GLY A 264 11.97 -21.12 -25.86
CA GLY A 264 11.24 -21.30 -24.60
C GLY A 264 11.48 -20.15 -23.60
N ALA A 265 12.72 -19.66 -23.56
CA ALA A 265 13.09 -18.51 -22.76
C ALA A 265 12.47 -17.21 -23.33
N LEU A 266 12.03 -17.27 -24.56
CA LEU A 266 11.51 -16.10 -25.24
C LEU A 266 10.12 -15.68 -24.77
N LEU A 267 9.29 -16.66 -24.43
CA LEU A 267 7.96 -16.39 -23.87
C LEU A 267 8.08 -15.68 -22.51
N LEU A 268 9.11 -16.05 -21.77
CA LEU A 268 9.41 -15.53 -20.46
C LEU A 268 9.98 -14.10 -20.52
N LYS A 269 10.83 -13.82 -21.52
CA LYS A 269 11.35 -12.48 -21.74
C LYS A 269 10.26 -11.54 -22.22
N ASN A 270 9.37 -12.06 -23.06
CA ASN A 270 8.18 -11.35 -23.50
C ASN A 270 7.19 -11.04 -22.36
N ALA A 271 7.06 -11.98 -21.42
CA ALA A 271 6.21 -11.81 -20.25
C ALA A 271 6.73 -10.70 -19.36
N LEU A 272 8.06 -10.69 -19.14
CA LEU A 272 8.72 -9.69 -18.35
C LEU A 272 8.63 -8.30 -18.97
N HIS A 273 8.84 -8.23 -20.30
CA HIS A 273 8.73 -6.99 -21.08
C HIS A 273 7.31 -6.42 -21.00
N GLY A 274 6.30 -7.27 -21.21
CA GLY A 274 4.89 -6.87 -21.13
C GLY A 274 4.42 -6.39 -19.76
N MSE A 275 4.96 -7.00 -18.71
CA MSE A 275 4.71 -6.62 -17.33
C MSE A 275 5.34 -5.26 -16.97
O MSE A 275 4.74 -4.44 -16.27
CB MSE A 275 5.27 -7.71 -16.42
CG MSE A 275 4.98 -7.59 -14.96
SE MSE A 275 5.50 -9.20 -13.96
CE MSE A 275 7.22 -9.44 -14.70
N LYS A 276 6.56 -5.04 -17.46
CA LYS A 276 7.24 -3.76 -17.35
C LYS A 276 6.46 -2.64 -18.03
N ASP A 277 5.93 -2.93 -19.22
N ASP A 277 5.91 -2.93 -19.21
CA ASP A 277 5.16 -1.96 -20.00
CA ASP A 277 5.16 -1.95 -20.00
C ASP A 277 3.86 -1.56 -19.29
C ASP A 277 3.81 -1.58 -19.37
N GLU A 278 3.14 -2.55 -18.74
CA GLU A 278 1.89 -2.31 -18.01
C GLU A 278 2.14 -1.39 -16.81
N MSE A 279 3.28 -1.60 -16.16
CA MSE A 279 3.67 -0.87 -14.97
C MSE A 279 4.45 0.43 -15.24
O MSE A 279 4.85 1.09 -14.29
CB MSE A 279 4.46 -1.80 -14.06
CG MSE A 279 3.62 -2.96 -13.49
SE MSE A 279 1.95 -2.32 -12.63
CE MSE A 279 2.76 -1.37 -11.16
N ASP A 280 4.60 0.80 -16.51
CA ASP A 280 5.44 1.94 -16.92
C ASP A 280 4.68 3.28 -16.98
N TYR A 281 4.19 3.73 -15.83
CA TYR A 281 3.25 4.85 -15.82
C TYR A 281 3.87 6.23 -16.07
N SER A 282 5.20 6.32 -16.04
CA SER A 282 5.87 7.59 -16.36
C SER A 282 5.78 7.96 -17.85
N LYS A 283 5.22 7.05 -18.64
CA LYS A 283 4.80 7.32 -20.02
C LYS A 283 3.76 8.43 -20.08
N HIS A 284 2.92 8.52 -19.04
CA HIS A 284 1.90 9.56 -18.94
C HIS A 284 2.39 10.91 -18.37
N GLY A 285 3.68 11.01 -18.08
CA GLY A 285 4.24 12.19 -17.41
C GLY A 285 4.74 11.90 -16.00
N GLY A 286 5.18 12.92 -15.30
CA GLY A 286 5.68 12.76 -13.92
C GLY A 286 4.63 13.11 -12.88
N ALA A 287 5.07 13.16 -11.61
CA ALA A 287 4.19 13.51 -10.51
C ALA A 287 3.94 15.03 -10.49
N VAL A 288 2.70 15.45 -10.67
CA VAL A 288 2.34 16.86 -10.56
C VAL A 288 2.25 17.30 -9.10
N LEU A 289 2.96 18.37 -8.76
CA LEU A 289 2.71 19.08 -7.52
C LEU A 289 1.56 20.04 -7.79
N PHE A 290 0.35 19.55 -7.56
CA PHE A 290 -0.88 20.15 -8.10
C PHE A 290 -1.65 20.96 -7.03
N GLY A 291 -2.09 22.16 -7.39
CA GLY A 291 -2.59 23.11 -6.39
C GLY A 291 -1.62 24.27 -6.19
N LEU A 292 -0.54 24.27 -6.97
CA LEU A 292 0.44 25.36 -7.06
C LEU A 292 0.16 26.31 -8.22
N LYS A 293 0.76 27.51 -8.16
CA LYS A 293 0.47 28.60 -9.12
C LYS A 293 1.00 28.40 -10.54
N ALA A 294 1.78 27.35 -10.76
CA ALA A 294 2.26 26.98 -12.09
C ALA A 294 2.47 25.44 -12.14
N PRO A 295 2.57 24.85 -13.35
CA PRO A 295 2.93 23.42 -13.39
C PRO A 295 4.31 23.13 -12.81
N VAL A 296 4.34 22.25 -11.82
CA VAL A 296 5.59 21.73 -11.32
C VAL A 296 5.53 20.21 -11.25
N ILE A 297 6.53 19.57 -11.86
CA ILE A 297 6.54 18.14 -12.05
C ILE A 297 7.78 17.52 -11.41
N LYS A 298 7.55 16.43 -10.69
CA LYS A 298 8.63 15.57 -10.18
C LYS A 298 8.77 14.35 -11.11
N THR A 299 9.83 14.37 -11.93
CA THR A 299 10.19 13.25 -12.78
C THR A 299 10.88 12.20 -11.90
N HIS A 300 10.66 10.90 -12.13
CA HIS A 300 11.25 9.91 -11.22
C HIS A 300 12.78 9.94 -11.26
N GLY A 301 13.41 9.71 -10.11
CA GLY A 301 14.85 9.92 -9.96
C GLY A 301 15.76 9.05 -10.81
N ALA A 302 15.26 7.89 -11.23
CA ALA A 302 16.03 6.98 -12.07
C ALA A 302 15.67 7.18 -13.53
N THR A 303 15.10 8.34 -13.87
CA THR A 303 14.79 8.67 -15.27
C THR A 303 16.02 8.58 -16.18
N GLY A 304 15.78 8.02 -17.37
CA GLY A 304 16.64 8.25 -18.53
C GLY A 304 15.98 9.37 -19.36
N PRO A 305 16.22 9.41 -20.68
CA PRO A 305 15.67 10.47 -21.55
C PRO A 305 14.18 10.37 -21.80
N ASP A 306 13.64 9.16 -21.90
CA ASP A 306 12.23 8.97 -22.21
C ASP A 306 11.31 9.63 -21.16
N ALA A 307 11.55 9.39 -19.88
CA ALA A 307 10.62 9.93 -18.88
C ALA A 307 10.71 11.46 -18.80
N VAL A 308 11.90 12.01 -19.02
CA VAL A 308 12.08 13.46 -19.20
C VAL A 308 11.22 13.99 -20.37
N ARG A 309 11.31 13.31 -21.52
CA ARG A 309 10.49 13.64 -22.69
C ARG A 309 8.97 13.52 -22.43
N TYR A 310 8.52 12.50 -21.73
CA TYR A 310 7.12 12.40 -21.39
C TYR A 310 6.67 13.46 -20.39
N THR A 311 7.57 13.90 -19.52
CA THR A 311 7.29 14.96 -18.57
C THR A 311 7.04 16.28 -19.31
N ILE A 312 7.84 16.54 -20.34
CA ILE A 312 7.71 17.73 -21.14
C ILE A 312 6.44 17.71 -22.00
N ARG A 313 6.04 16.52 -22.48
CA ARG A 313 4.75 16.38 -23.17
C ARG A 313 3.60 16.73 -22.25
N GLN A 314 3.65 16.20 -21.02
CA GLN A 314 2.64 16.49 -20.00
C GLN A 314 2.58 18.00 -19.72
N ILE A 315 3.74 18.63 -19.56
CA ILE A 315 3.84 20.10 -19.35
C ILE A 315 3.24 20.86 -20.52
N HIS A 316 3.58 20.42 -21.74
CA HIS A 316 3.05 21.03 -22.95
C HIS A 316 1.53 21.02 -22.90
N THR A 317 0.94 19.86 -22.63
CA THR A 317 -0.53 19.74 -22.49
C THR A 317 -1.13 20.62 -21.38
N MSE A 318 -0.47 20.68 -20.22
CA MSE A 318 -0.95 21.54 -19.15
C MSE A 318 -0.90 23.03 -19.52
O MSE A 318 -1.79 23.79 -19.13
CB MSE A 318 -0.15 21.29 -17.87
CG MSE A 318 -0.28 19.89 -17.33
SE MSE A 318 0.75 19.65 -15.69
CE MSE A 318 2.35 19.44 -16.42
N LEU A 319 0.14 23.44 -20.25
CA LEU A 319 0.29 24.84 -20.69
C LEU A 319 -0.72 25.19 -21.76
N GLU A 320 -0.81 24.35 -22.78
CA GLU A 320 -1.73 24.56 -23.90
C GLU A 320 -3.20 24.54 -23.50
N THR A 321 -3.57 23.66 -22.55
CA THR A 321 -4.95 23.62 -22.04
C THR A 321 -5.21 24.63 -20.94
N GLN A 322 -4.16 25.32 -20.48
N GLN A 322 -4.15 25.33 -20.49
CA GLN A 322 -4.27 26.35 -19.43
CA GLN A 322 -4.24 26.33 -19.41
C GLN A 322 -4.98 25.84 -18.18
C GLN A 322 -4.99 25.83 -18.18
N VAL A 323 -4.64 24.62 -17.75
CA VAL A 323 -5.27 23.98 -16.63
C VAL A 323 -5.01 24.69 -15.28
N VAL A 324 -3.78 25.15 -15.06
CA VAL A 324 -3.45 25.87 -13.84
C VAL A 324 -4.15 27.23 -13.77
N PRO A 325 -4.07 28.07 -14.84
CA PRO A 325 -4.87 29.31 -14.85
C PRO A 325 -6.37 29.14 -14.66
N GLN A 326 -6.95 28.07 -15.17
CA GLN A 326 -8.36 27.79 -14.88
C GLN A 326 -8.61 27.47 -13.40
N LEU A 327 -7.69 26.71 -12.79
CA LEU A 327 -7.73 26.44 -11.36
C LEU A 327 -7.65 27.73 -10.56
N VAL A 328 -6.75 28.61 -10.98
CA VAL A 328 -6.62 29.91 -10.36
C VAL A 328 -7.92 30.72 -10.41
N GLU A 329 -8.56 30.85 -11.57
N GLU A 329 -8.50 30.82 -11.61
CA GLU A 329 -9.81 31.61 -11.66
CA GLU A 329 -9.78 31.48 -11.83
C GLU A 329 -10.95 30.92 -10.90
C GLU A 329 -10.79 30.91 -10.84
N TYR A 330 -10.95 29.59 -10.88
CA TYR A 330 -11.89 28.83 -10.04
C TYR A 330 -11.78 29.19 -8.55
N TYR A 331 -10.58 29.10 -7.99
CA TYR A 331 -10.36 29.36 -6.56
C TYR A 331 -10.17 30.83 -6.17
N GLU A 332 -9.56 31.60 -7.06
CA GLU A 332 -8.89 32.86 -6.73
C GLU A 332 -9.61 34.00 -7.46
N MSE B 4 -6.28 -29.90 25.15
CA MSE B 4 -6.36 -28.91 24.03
C MSE B 4 -7.64 -29.06 23.23
O MSE B 4 -7.84 -30.05 22.54
CB MSE B 4 -5.12 -29.05 23.13
CG MSE B 4 -4.91 -27.87 22.21
SE MSE B 4 -3.24 -27.89 21.19
CE MSE B 4 -1.89 -27.88 22.58
N LYS B 5 -8.53 -28.07 23.35
CA LYS B 5 -9.80 -28.05 22.64
C LYS B 5 -9.91 -26.82 21.73
N ILE B 6 -10.27 -27.02 20.47
CA ILE B 6 -10.41 -25.90 19.51
C ILE B 6 -11.86 -25.77 19.06
N ALA B 7 -12.43 -24.57 19.22
CA ALA B 7 -13.79 -24.29 18.71
C ALA B 7 -13.70 -23.87 17.26
N VAL B 8 -14.55 -24.46 16.42
CA VAL B 8 -14.47 -24.30 14.98
C VAL B 8 -15.77 -23.74 14.44
N ASP B 9 -15.70 -22.60 13.74
CA ASP B 9 -16.86 -22.08 13.01
C ASP B 9 -16.94 -22.84 11.69
N ALA B 10 -17.85 -23.81 11.60
CA ALA B 10 -17.90 -24.69 10.43
C ALA B 10 -18.56 -24.05 9.23
N MSE B 11 -19.29 -22.95 9.44
CA MSE B 11 -20.11 -22.36 8.39
C MSE B 11 -19.47 -21.21 7.61
O MSE B 11 -19.85 -20.96 6.48
CB MSE B 11 -21.49 -21.94 8.94
CG MSE B 11 -22.30 -23.06 9.60
SE MSE B 11 -22.40 -24.74 8.54
CE MSE B 11 -23.49 -24.12 7.00
N GLY B 12 -18.48 -20.54 8.20
CA GLY B 12 -17.82 -19.39 7.57
C GLY B 12 -16.90 -19.77 6.43
N GLY B 13 -16.98 -19.03 5.32
CA GLY B 13 -16.10 -19.23 4.18
C GLY B 13 -16.79 -19.67 2.90
N ASP B 14 -16.19 -19.33 1.75
CA ASP B 14 -16.75 -19.63 0.42
C ASP B 14 -17.09 -21.10 0.28
N ASN B 15 -16.06 -21.94 0.46
CA ASN B 15 -16.16 -23.39 0.36
C ASN B 15 -16.60 -24.10 1.64
N ALA B 16 -17.30 -23.41 2.54
CA ALA B 16 -17.70 -24.04 3.81
C ALA B 16 -19.07 -24.71 3.70
N PRO B 17 -19.28 -25.83 4.44
CA PRO B 17 -18.37 -26.48 5.40
C PRO B 17 -17.40 -27.53 4.84
N GLN B 18 -17.52 -27.88 3.56
N GLN B 18 -17.51 -27.84 3.55
CA GLN B 18 -16.67 -28.90 2.96
CA GLN B 18 -16.71 -28.89 2.91
C GLN B 18 -15.21 -28.68 3.35
C GLN B 18 -15.20 -28.72 3.16
N ALA B 19 -14.71 -27.49 3.03
CA ALA B 19 -13.29 -27.17 3.20
C ALA B 19 -12.83 -27.12 4.65
N ILE B 20 -13.74 -26.73 5.54
CA ILE B 20 -13.43 -26.59 6.95
C ILE B 20 -13.32 -27.97 7.60
N VAL B 21 -14.28 -28.84 7.34
CA VAL B 21 -14.27 -30.19 7.89
C VAL B 21 -13.13 -31.03 7.27
N GLU B 22 -12.89 -30.86 5.97
CA GLU B 22 -11.77 -31.55 5.30
C GLU B 22 -10.44 -31.08 5.87
N GLY B 23 -10.38 -29.83 6.31
CA GLY B 23 -9.20 -29.28 6.98
C GLY B 23 -8.99 -29.87 8.37
N VAL B 24 -10.09 -30.06 9.08
CA VAL B 24 -10.07 -30.63 10.43
C VAL B 24 -9.68 -32.11 10.36
N MSE B 25 -10.22 -32.82 9.36
CA MSE B 25 -9.87 -34.21 9.09
C MSE B 25 -8.36 -34.42 8.92
O MSE B 25 -7.81 -35.39 9.41
CB MSE B 25 -10.60 -34.72 7.83
CG MSE B 25 -12.10 -34.99 8.01
SE MSE B 25 -12.59 -35.85 9.71
CE MSE B 25 -11.36 -37.35 9.67
N LEU B 26 -7.69 -33.51 8.21
CA LEU B 26 -6.25 -33.60 8.03
C LEU B 26 -5.49 -33.26 9.30
N ALA B 27 -5.94 -32.21 10.00
CA ALA B 27 -5.35 -31.76 11.26
C ALA B 27 -5.39 -32.83 12.36
N LYS B 28 -6.50 -33.57 12.42
CA LYS B 28 -6.68 -34.72 13.32
C LYS B 28 -5.65 -35.82 13.11
N GLN B 29 -4.98 -35.81 11.96
CA GLN B 29 -3.93 -36.77 11.69
C GLN B 29 -2.58 -36.22 12.13
N ASP B 30 -2.40 -34.89 11.98
CA ASP B 30 -1.22 -34.20 12.50
C ASP B 30 -1.21 -34.22 14.04
N PHE B 31 -2.40 -34.05 14.63
CA PHE B 31 -2.56 -33.88 16.08
C PHE B 31 -3.74 -34.72 16.61
N PRO B 32 -3.50 -36.02 16.87
CA PRO B 32 -4.57 -36.99 17.21
C PRO B 32 -5.27 -36.79 18.57
N ASP B 33 -4.74 -35.89 19.41
CA ASP B 33 -5.29 -35.64 20.74
C ASP B 33 -5.98 -34.28 20.95
N ILE B 34 -6.08 -33.48 19.89
CA ILE B 34 -6.85 -32.24 19.94
C ILE B 34 -8.31 -32.62 19.79
N GLU B 35 -9.18 -31.98 20.57
CA GLU B 35 -10.61 -32.18 20.40
C GLU B 35 -11.18 -30.98 19.65
N PHE B 36 -12.04 -31.25 18.67
CA PHE B 36 -12.64 -30.20 17.86
C PHE B 36 -14.14 -30.15 18.06
N GLN B 37 -14.64 -28.95 18.29
CA GLN B 37 -16.08 -28.72 18.34
C GLN B 37 -16.49 -28.01 17.06
N LEU B 38 -17.30 -28.66 16.23
CA LEU B 38 -17.70 -28.12 14.95
C LEU B 38 -19.12 -27.52 14.98
N TYR B 39 -19.18 -26.19 15.03
CA TYR B 39 -20.43 -25.44 15.15
C TYR B 39 -21.02 -25.11 13.78
N GLY B 40 -22.31 -25.44 13.62
CA GLY B 40 -23.03 -25.30 12.36
C GLY B 40 -24.12 -26.35 12.29
N LYS B 41 -24.81 -26.45 11.16
CA LYS B 41 -25.85 -27.49 11.01
C LYS B 41 -25.29 -28.87 10.66
N GLU B 42 -25.60 -29.85 11.51
CA GLU B 42 -24.99 -31.19 11.43
C GLU B 42 -25.24 -31.99 10.14
N ALA B 43 -26.41 -31.85 9.54
CA ALA B 43 -26.68 -32.55 8.27
C ALA B 43 -25.62 -32.18 7.22
N GLU B 44 -25.16 -30.94 7.29
CA GLU B 44 -24.10 -30.43 6.43
C GLU B 44 -22.73 -30.92 6.88
N ILE B 45 -22.49 -30.90 8.20
CA ILE B 45 -21.20 -31.27 8.80
C ILE B 45 -20.86 -32.76 8.63
N LYS B 46 -21.82 -33.63 8.92
CA LYS B 46 -21.66 -35.09 8.87
C LYS B 46 -21.27 -35.60 7.50
N LYS B 47 -21.78 -34.97 6.45
CA LYS B 47 -21.44 -35.31 5.05
C LYS B 47 -19.94 -35.43 4.82
N TYR B 48 -19.15 -34.63 5.53
CA TYR B 48 -17.73 -34.53 5.23
C TYR B 48 -16.81 -35.13 6.30
N ILE B 49 -17.40 -35.64 7.39
CA ILE B 49 -16.66 -36.35 8.41
C ILE B 49 -16.21 -37.71 7.88
N THR B 50 -14.93 -37.99 8.05
CA THR B 50 -14.27 -39.13 7.43
C THR B 50 -13.65 -39.97 8.56
N ASP B 51 -13.82 -39.48 9.79
CA ASP B 51 -13.41 -40.14 11.04
C ASP B 51 -13.99 -39.34 12.22
N GLU B 52 -14.79 -40.01 13.04
CA GLU B 52 -15.58 -39.36 14.09
C GLU B 52 -14.83 -39.14 15.41
N LYS B 53 -13.62 -39.68 15.51
CA LYS B 53 -12.83 -39.56 16.74
C LYS B 53 -12.56 -38.08 17.06
N ASN B 54 -12.76 -37.70 18.32
CA ASN B 54 -12.49 -36.35 18.81
C ASN B 54 -13.24 -35.19 18.10
N ILE B 55 -14.39 -35.52 17.52
CA ILE B 55 -15.25 -34.52 16.89
C ILE B 55 -16.62 -34.42 17.55
N THR B 56 -16.90 -33.27 18.13
CA THR B 56 -18.24 -32.94 18.63
C THR B 56 -18.91 -31.95 17.70
N ILE B 57 -20.20 -32.14 17.45
CA ILE B 57 -20.98 -31.19 16.68
C ILE B 57 -21.92 -30.44 17.61
N ILE B 58 -21.92 -29.11 17.50
CA ILE B 58 -22.94 -28.29 18.16
C ILE B 58 -23.81 -27.74 17.04
N HIS B 59 -25.05 -28.21 16.98
CA HIS B 59 -25.95 -27.82 15.91
C HIS B 59 -26.48 -26.40 16.05
N THR B 60 -26.57 -25.73 14.90
CA THR B 60 -27.28 -24.48 14.73
C THR B 60 -27.57 -24.29 13.25
N ASP B 61 -28.76 -23.76 12.96
CA ASP B 61 -29.15 -23.44 11.58
C ASP B 61 -28.87 -21.97 11.24
N GLU B 62 -28.36 -21.24 12.23
CA GLU B 62 -28.07 -19.82 12.06
C GLU B 62 -26.58 -19.56 11.79
N LYS B 63 -26.30 -18.68 10.84
CA LYS B 63 -24.94 -18.26 10.55
C LYS B 63 -24.89 -16.78 10.18
N ILE B 64 -23.77 -16.14 10.49
CA ILE B 64 -23.62 -14.71 10.19
C ILE B 64 -23.60 -14.49 8.67
N ALA B 65 -24.46 -13.58 8.22
CA ALA B 65 -24.57 -13.28 6.79
C ALA B 65 -23.21 -12.96 6.19
N GLU B 69 -24.64 -6.63 10.25
CA GLU B 69 -23.66 -5.71 10.82
C GLU B 69 -22.89 -6.39 11.95
N PRO B 70 -21.55 -6.41 11.85
CA PRO B 70 -20.66 -7.05 12.81
C PRO B 70 -21.15 -6.96 14.25
N VAL B 71 -20.89 -5.83 14.90
CA VAL B 71 -21.13 -5.68 16.33
C VAL B 71 -22.59 -5.96 16.72
N LYS B 72 -23.53 -5.44 15.94
CA LYS B 72 -24.95 -5.63 16.26
C LYS B 72 -25.35 -7.09 16.09
N ALA B 73 -24.91 -7.70 14.99
CA ALA B 73 -25.22 -9.10 14.71
C ALA B 73 -24.53 -10.05 15.67
N ILE B 74 -23.56 -9.54 16.42
CA ILE B 74 -22.82 -10.36 17.39
C ILE B 74 -23.52 -10.40 18.73
N ARG B 75 -23.99 -9.25 19.19
CA ARG B 75 -24.72 -9.17 20.45
C ARG B 75 -26.17 -9.63 20.30
N ARG B 76 -26.58 -9.93 19.06
CA ARG B 76 -27.96 -10.34 18.81
C ARG B 76 -28.11 -11.83 18.52
N LYS B 77 -27.44 -12.31 17.47
CA LYS B 77 -27.50 -13.72 17.07
C LYS B 77 -26.68 -14.63 17.98
N LYS B 78 -27.17 -14.88 19.19
CA LYS B 78 -26.41 -15.65 20.20
C LYS B 78 -26.25 -17.13 19.80
N THR B 79 -26.82 -17.48 18.66
CA THR B 79 -26.94 -18.87 18.18
C THR B 79 -26.14 -19.11 16.89
N ALA B 80 -25.71 -18.04 16.23
CA ALA B 80 -24.88 -18.18 15.03
C ALA B 80 -23.61 -18.98 15.32
N SER B 81 -23.20 -19.78 14.33
CA SER B 81 -22.05 -20.68 14.45
C SER B 81 -20.79 -20.01 15.00
N MSE B 82 -20.53 -18.78 14.54
CA MSE B 82 -19.33 -18.06 14.96
C MSE B 82 -19.39 -17.62 16.42
O MSE B 82 -18.41 -17.74 17.14
CB MSE B 82 -19.12 -16.83 14.08
CG MSE B 82 -17.75 -16.16 14.30
SE MSE B 82 -17.58 -14.42 13.44
CE MSE B 82 -17.53 -14.95 11.56
N VAL B 83 -20.56 -17.12 16.81
CA VAL B 83 -20.78 -16.59 18.16
C VAL B 83 -20.69 -17.70 19.20
N LEU B 84 -21.31 -18.85 18.89
CA LEU B 84 -21.26 -20.03 19.75
C LEU B 84 -19.82 -20.49 19.97
N ALA B 85 -19.05 -20.57 18.89
CA ALA B 85 -17.64 -20.94 18.93
C ALA B 85 -16.82 -19.92 19.73
N ALA B 86 -17.08 -18.64 19.51
CA ALA B 86 -16.44 -17.55 20.26
C ALA B 86 -16.90 -17.55 21.73
N GLN B 87 -18.19 -17.80 21.93
CA GLN B 87 -18.74 -17.90 23.29
C GLN B 87 -18.13 -19.04 24.09
N ALA B 88 -17.95 -20.19 23.45
CA ALA B 88 -17.38 -21.39 24.08
C ALA B 88 -16.01 -21.17 24.72
N VAL B 89 -15.14 -20.41 24.05
CA VAL B 89 -13.81 -20.09 24.62
C VAL B 89 -13.93 -19.08 25.75
N LYS B 90 -14.89 -18.17 25.63
CA LYS B 90 -15.23 -17.25 26.70
C LYS B 90 -15.62 -18.05 27.94
N ASN B 91 -16.56 -19.00 27.77
CA ASN B 91 -17.05 -19.84 28.87
C ASN B 91 -16.01 -20.83 29.42
N GLY B 92 -14.86 -20.92 28.76
CA GLY B 92 -13.77 -21.79 29.18
C GLY B 92 -13.92 -23.21 28.68
N GLU B 93 -14.85 -23.43 27.77
CA GLU B 93 -15.09 -24.77 27.20
C GLU B 93 -14.15 -25.12 26.02
N ALA B 94 -13.46 -24.11 25.49
CA ALA B 94 -12.50 -24.30 24.39
C ALA B 94 -11.32 -23.34 24.54
N ASP B 95 -10.14 -23.76 24.08
CA ASP B 95 -8.91 -22.98 24.24
C ASP B 95 -8.69 -21.93 23.14
N ALA B 96 -9.34 -22.12 22.01
CA ALA B 96 -9.03 -21.35 20.81
C ALA B 96 -10.20 -21.40 19.88
N ILE B 97 -10.24 -20.46 18.94
CA ILE B 97 -11.31 -20.42 17.94
C ILE B 97 -10.75 -19.94 16.58
N PHE B 98 -11.30 -20.50 15.50
CA PHE B 98 -11.06 -19.94 14.17
C PHE B 98 -12.31 -19.99 13.30
N SER B 99 -12.33 -19.12 12.31
CA SER B 99 -13.43 -18.97 11.41
C SER B 99 -12.87 -18.46 10.09
N ALA B 100 -13.36 -18.98 8.96
CA ALA B 100 -13.08 -18.40 7.65
C ALA B 100 -14.19 -17.44 7.19
N GLY B 101 -15.13 -17.14 8.08
CA GLY B 101 -16.21 -16.20 7.81
C GLY B 101 -15.76 -14.75 7.88
N ASN B 102 -16.76 -13.87 7.94
CA ASN B 102 -16.58 -12.42 7.87
C ASN B 102 -15.58 -11.86 8.88
N THR B 103 -14.66 -11.04 8.38
CA THR B 103 -13.60 -10.49 9.21
C THR B 103 -14.15 -9.56 10.30
N GLY B 104 -15.02 -8.62 9.91
CA GLY B 104 -15.69 -7.71 10.86
C GLY B 104 -16.38 -8.39 12.03
N ALA B 105 -17.13 -9.45 11.74
CA ALA B 105 -17.87 -10.19 12.77
C ALA B 105 -16.94 -10.93 13.74
N LEU B 106 -15.85 -11.48 13.20
CA LEU B 106 -14.84 -12.16 14.01
C LEU B 106 -14.08 -11.11 14.85
N LEU B 107 -13.85 -9.96 14.26
CA LEU B 107 -13.29 -8.82 14.99
C LEU B 107 -14.19 -8.43 16.17
N ALA B 108 -15.49 -8.28 15.90
CA ALA B 108 -16.48 -8.02 16.97
C ALA B 108 -16.53 -9.12 18.03
N ALA B 109 -16.63 -10.37 17.56
CA ALA B 109 -16.64 -11.55 18.44
C ALA B 109 -15.38 -11.69 19.29
N GLY B 110 -14.21 -11.43 18.70
CA GLY B 110 -12.96 -11.47 19.46
C GLY B 110 -12.91 -10.41 20.55
N LEU B 111 -13.18 -9.16 20.14
CA LEU B 111 -13.15 -8.01 21.04
C LEU B 111 -14.16 -8.14 22.18
N PHE B 112 -15.42 -8.38 21.82
CA PHE B 112 -16.53 -8.29 22.77
C PHE B 112 -16.88 -9.57 23.57
N ILE B 113 -16.68 -10.75 22.96
CA ILE B 113 -16.91 -12.03 23.64
C ILE B 113 -15.63 -12.66 24.26
N VAL B 114 -14.59 -12.85 23.46
CA VAL B 114 -13.32 -13.40 23.97
C VAL B 114 -12.65 -12.39 24.91
N GLY B 115 -12.56 -11.15 24.44
CA GLY B 115 -12.07 -10.05 25.25
C GLY B 115 -10.57 -9.86 25.10
N ARG B 116 -10.10 -8.64 25.36
CA ARG B 116 -8.68 -8.35 25.25
C ARG B 116 -7.90 -8.62 26.54
N ILE B 117 -6.62 -8.97 26.39
CA ILE B 117 -5.68 -9.03 27.50
C ILE B 117 -5.76 -7.67 28.18
N LYS B 118 -5.80 -7.65 29.51
CA LYS B 118 -5.97 -6.37 30.21
C LYS B 118 -4.71 -5.52 30.10
N ASN B 119 -4.92 -4.25 29.79
CA ASN B 119 -3.89 -3.24 29.50
C ASN B 119 -3.36 -3.22 28.03
N VAL B 120 -3.82 -4.15 27.20
CA VAL B 120 -3.70 -3.94 25.75
C VAL B 120 -4.92 -3.19 25.24
N GLU B 121 -4.65 -2.02 24.65
CA GLU B 121 -5.70 -1.06 24.32
C GLU B 121 -6.52 -1.50 23.11
N ARG B 122 -5.83 -1.78 22.02
CA ARG B 122 -6.47 -2.22 20.79
C ARG B 122 -5.77 -3.48 20.29
N PRO B 123 -6.52 -4.59 20.17
CA PRO B 123 -6.01 -5.78 19.50
C PRO B 123 -5.66 -5.46 18.05
N GLY B 124 -4.61 -6.10 17.54
CA GLY B 124 -4.15 -5.86 16.16
C GLY B 124 -4.22 -7.12 15.32
N LEU B 125 -4.67 -6.96 14.07
CA LEU B 125 -4.81 -8.08 13.14
C LEU B 125 -3.45 -8.33 12.55
N MSE B 126 -2.96 -9.56 12.71
CA MSE B 126 -1.58 -9.88 12.42
C MSE B 126 -1.44 -11.12 11.52
O MSE B 126 -2.10 -12.14 11.73
CB MSE B 126 -0.82 -10.05 13.72
CG MSE B 126 0.69 -10.22 13.58
SE MSE B 126 1.55 -10.70 15.29
CE MSE B 126 0.57 -12.33 15.62
N SER B 127 -0.61 -11.00 10.48
CA SER B 127 -0.25 -12.11 9.63
C SER B 127 1.24 -12.15 9.43
N THR B 128 1.75 -13.37 9.32
CA THR B 128 3.10 -13.62 8.82
C THR B 128 3.04 -13.52 7.31
N LEU B 129 3.82 -12.61 6.75
CA LEU B 129 3.79 -12.34 5.33
C LEU B 129 5.13 -12.74 4.68
N PRO B 130 5.17 -12.81 3.33
CA PRO B 130 6.33 -13.42 2.65
C PRO B 130 7.67 -12.67 2.74
N VAL B 131 8.76 -13.42 2.65
CA VAL B 131 10.04 -12.85 2.26
C VAL B 131 10.50 -13.59 1.01
N MSE B 132 10.76 -12.82 -0.04
CA MSE B 132 11.17 -13.37 -1.35
C MSE B 132 12.40 -14.23 -1.28
O MSE B 132 13.40 -13.85 -0.65
CB MSE B 132 11.41 -12.22 -2.35
CG MSE B 132 10.23 -11.26 -2.51
SE MSE B 132 8.65 -12.07 -3.27
CE MSE B 132 7.65 -12.55 -1.67
N GLY B 133 12.32 -15.40 -1.91
CA GLY B 133 13.42 -16.37 -1.96
C GLY B 133 13.67 -17.16 -0.69
N GLU B 134 12.82 -16.97 0.33
CA GLU B 134 13.00 -17.63 1.64
C GLU B 134 11.70 -18.22 2.20
N PRO B 135 11.37 -19.46 1.79
CA PRO B 135 10.10 -20.12 2.19
C PRO B 135 9.99 -20.54 3.67
N ASP B 136 11.10 -20.49 4.40
CA ASP B 136 11.09 -20.78 5.84
C ASP B 136 11.19 -19.49 6.65
N LYS B 137 11.03 -18.36 5.97
CA LYS B 137 11.07 -17.06 6.65
C LYS B 137 9.80 -16.27 6.40
N GLY B 138 9.52 -15.31 7.27
CA GLY B 138 8.39 -14.42 7.09
C GLY B 138 8.57 -13.21 7.95
N PHE B 139 7.59 -12.32 7.91
CA PHE B 139 7.55 -11.20 8.83
C PHE B 139 6.13 -10.96 9.27
N ASP B 140 5.96 -10.69 10.55
CA ASP B 140 4.66 -10.45 11.12
C ASP B 140 4.32 -8.97 10.98
N MSE B 141 3.17 -8.69 10.38
CA MSE B 141 2.72 -7.31 10.25
C MSE B 141 1.36 -7.09 10.91
O MSE B 141 0.48 -7.93 10.79
CB MSE B 141 2.73 -6.88 8.77
CG MSE B 141 2.63 -5.38 8.59
SE MSE B 141 2.81 -4.72 6.74
CE MSE B 141 1.41 -5.58 5.79
N LEU B 142 1.21 -5.97 11.61
CA LEU B 142 0.00 -5.61 12.38
C LEU B 142 0.07 -4.13 12.68
N ASP B 143 -1.06 -3.42 12.73
CA ASP B 143 -2.41 -3.92 12.56
C ASP B 143 -2.75 -3.90 11.06
N LEU B 144 -3.33 -5.00 10.58
CA LEU B 144 -3.71 -5.16 9.18
C LEU B 144 -5.19 -4.86 8.98
N GLY B 145 -5.86 -4.40 10.03
CA GLY B 145 -7.19 -3.82 9.87
C GLY B 145 -8.25 -4.09 10.94
N ALA B 146 -7.83 -4.47 12.15
CA ALA B 146 -8.74 -4.46 13.31
C ALA B 146 -9.27 -3.05 13.60
N ASN B 147 -8.45 -2.05 13.31
CA ASN B 147 -8.72 -0.67 13.69
C ASN B 147 -8.57 0.23 12.47
N ALA B 148 -9.30 1.33 12.41
CA ALA B 148 -9.14 2.25 11.28
C ALA B 148 -8.39 3.47 11.73
N ASP B 149 -8.28 3.63 13.05
CA ASP B 149 -7.49 4.68 13.69
C ASP B 149 -6.67 4.10 14.85
N ASN B 150 -5.48 4.65 15.09
CA ASN B 150 -4.59 4.20 16.17
C ASN B 150 -3.86 5.37 16.81
N LYS B 151 -3.40 5.16 18.04
CA LYS B 151 -2.56 6.10 18.76
C LYS B 151 -1.12 5.58 18.73
N PRO B 152 -0.14 6.49 18.93
CA PRO B 152 1.28 6.11 18.98
C PRO B 152 1.57 5.00 19.99
N GLU B 153 0.91 5.03 21.15
CA GLU B 153 1.06 3.96 22.14
C GLU B 153 0.54 2.59 21.68
N HIS B 154 -0.45 2.55 20.79
CA HIS B 154 -0.94 1.26 20.29
C HIS B 154 0.12 0.57 19.44
N LEU B 155 0.89 1.35 18.68
CA LEU B 155 1.94 0.79 17.83
C LEU B 155 3.09 0.27 18.70
N VAL B 156 3.27 0.84 19.87
CA VAL B 156 4.28 0.29 20.81
C VAL B 156 3.85 -1.08 21.30
N GLN B 157 2.57 -1.23 21.62
N GLN B 157 2.57 -1.24 21.62
CA GLN B 157 2.04 -2.52 22.02
CA GLN B 157 2.06 -2.54 22.05
C GLN B 157 2.16 -3.53 20.88
C GLN B 157 1.95 -3.56 20.91
N TYR B 158 1.86 -3.09 19.67
CA TYR B 158 1.93 -3.95 18.49
C TYR B 158 3.35 -4.50 18.32
N ALA B 159 4.34 -3.67 18.62
CA ALA B 159 5.73 -4.07 18.52
C ALA B 159 6.07 -5.18 19.51
N VAL B 160 5.57 -5.08 20.74
CA VAL B 160 5.70 -6.12 21.77
C VAL B 160 4.97 -7.42 21.42
N LEU B 161 3.67 -7.31 21.10
CA LEU B 161 2.86 -8.44 20.67
C LEU B 161 3.49 -9.18 19.49
N GLY B 162 3.84 -8.43 18.44
CA GLY B 162 4.56 -8.97 17.31
C GLY B 162 5.87 -9.67 17.67
N SER B 163 6.69 -9.04 18.52
CA SER B 163 7.95 -9.65 18.98
C SER B 163 7.75 -10.98 19.72
N PHE B 164 6.74 -11.04 20.58
CA PHE B 164 6.43 -12.29 21.26
C PHE B 164 6.01 -13.38 20.30
N TYR B 165 5.17 -13.02 19.33
CA TYR B 165 4.74 -13.99 18.35
C TYR B 165 5.92 -14.44 17.50
N ALA B 166 6.73 -13.50 17.02
CA ALA B 166 7.84 -13.83 16.13
C ALA B 166 8.88 -14.70 16.86
N GLU B 167 9.17 -14.32 18.12
CA GLU B 167 10.10 -15.05 18.98
C GLU B 167 9.59 -16.39 19.51
N LYS B 168 8.38 -16.43 20.07
CA LYS B 168 7.90 -17.68 20.71
C LYS B 168 7.22 -18.64 19.75
N VAL B 169 6.41 -18.11 18.83
CA VAL B 169 5.68 -18.98 17.89
C VAL B 169 6.54 -19.34 16.68
N ARG B 170 7.34 -18.39 16.20
CA ARG B 170 8.05 -18.56 14.95
C ARG B 170 9.55 -18.77 15.14
N ASN B 171 9.97 -18.81 16.40
CA ASN B 171 11.37 -19.08 16.78
C ASN B 171 12.38 -18.06 16.26
N VAL B 172 11.95 -16.82 16.07
CA VAL B 172 12.85 -15.77 15.62
C VAL B 172 13.46 -15.05 16.81
N GLN B 173 14.76 -15.22 17.00
CA GLN B 173 15.44 -14.65 18.16
C GLN B 173 15.73 -13.16 18.01
N ASN B 174 15.52 -12.43 19.11
CA ASN B 174 15.65 -10.96 19.14
C ASN B 174 15.06 -10.32 17.86
N PRO B 175 13.74 -10.46 17.68
CA PRO B 175 13.12 -10.07 16.39
C PRO B 175 13.23 -8.55 16.11
N ARG B 176 13.66 -8.20 14.89
CA ARG B 176 13.82 -6.79 14.47
C ARG B 176 12.45 -6.16 14.31
N VAL B 177 12.19 -5.08 15.04
CA VAL B 177 10.92 -4.37 14.86
C VAL B 177 11.15 -3.17 13.97
N GLY B 178 10.39 -3.12 12.86
CA GLY B 178 10.38 -1.95 11.99
C GLY B 178 9.05 -1.21 12.09
N LEU B 179 9.14 0.12 12.07
CA LEU B 179 7.99 1.01 11.95
C LEU B 179 7.79 1.36 10.48
N LEU B 180 6.64 1.02 9.93
CA LEU B 180 6.30 1.43 8.56
C LEU B 180 6.14 2.94 8.54
N ASN B 181 6.91 3.59 7.68
CA ASN B 181 6.95 5.04 7.62
C ASN B 181 7.05 5.53 6.18
N ASN B 182 6.93 6.83 5.98
CA ASN B 182 6.99 7.44 4.64
C ASN B 182 8.40 7.78 4.15
N GLY B 183 9.40 7.41 4.96
CA GLY B 183 10.81 7.61 4.64
C GLY B 183 11.66 7.02 5.75
N THR B 184 12.99 7.10 5.63
CA THR B 184 13.91 6.47 6.59
C THR B 184 14.29 7.34 7.79
N GLU B 185 14.28 8.66 7.59
CA GLU B 185 14.70 9.62 8.60
C GLU B 185 13.79 9.58 9.84
N GLU B 186 14.34 9.84 11.02
CA GLU B 186 13.56 9.82 12.26
C GLU B 186 12.43 10.87 12.36
N THR B 187 12.25 11.73 11.33
CA THR B 187 11.72 13.10 11.55
C THR B 187 10.46 13.75 10.92
N LYS B 188 9.95 13.44 9.72
CA LYS B 188 9.89 12.17 8.97
C LYS B 188 8.75 11.28 9.45
N GLY B 189 7.58 11.51 8.86
CA GLY B 189 6.38 10.80 9.26
C GLY B 189 5.20 11.67 9.55
N SER B 190 4.07 11.02 9.76
CA SER B 190 2.85 11.70 10.18
C SER B 190 2.98 12.02 11.67
N GLU B 191 2.00 12.71 12.25
N GLU B 191 1.97 12.71 12.19
CA GLU B 191 2.00 12.93 13.69
CA GLU B 191 1.80 12.94 13.63
C GLU B 191 2.06 11.58 14.43
C GLU B 191 2.04 11.62 14.37
N LEU B 192 1.25 10.62 13.99
CA LEU B 192 1.28 9.29 14.56
C LEU B 192 2.67 8.64 14.52
N THR B 193 3.30 8.58 13.35
CA THR B 193 4.58 7.85 13.25
C THR B 193 5.78 8.60 13.79
N LYS B 194 5.72 9.93 13.85
CA LYS B 194 6.77 10.67 14.58
C LYS B 194 6.78 10.33 16.07
N LYS B 195 5.60 10.31 16.66
N LYS B 195 5.59 10.35 16.66
CA LYS B 195 5.49 9.99 18.07
CA LYS B 195 5.44 9.99 18.05
C LYS B 195 5.75 8.49 18.32
C LYS B 195 5.82 8.52 18.25
N ALA B 196 5.21 7.62 17.48
CA ALA B 196 5.53 6.18 17.58
C ALA B 196 7.04 5.89 17.47
N PHE B 197 7.73 6.51 16.52
CA PHE B 197 9.16 6.32 16.37
C PHE B 197 9.91 6.62 17.67
N GLU B 198 9.53 7.73 18.31
CA GLU B 198 10.13 8.19 19.56
C GLU B 198 9.85 7.19 20.68
N LEU B 199 8.61 6.72 20.76
CA LEU B 199 8.20 5.76 21.80
C LEU B 199 8.86 4.41 21.63
N LEU B 200 8.92 3.94 20.38
CA LEU B 200 9.53 2.66 20.06
C LEU B 200 11.04 2.66 20.33
N ALA B 201 11.68 3.81 20.12
CA ALA B 201 13.10 3.96 20.35
C ALA B 201 13.47 4.06 21.86
N ALA B 202 12.48 4.34 22.70
CA ALA B 202 12.69 4.44 24.14
C ALA B 202 12.43 3.10 24.83
N ASP B 203 11.60 2.27 24.21
CA ASP B 203 11.18 1.00 24.79
C ASP B 203 12.35 0.02 24.80
N GLU B 204 12.69 -0.46 26.00
CA GLU B 204 13.89 -1.29 26.20
C GLU B 204 13.55 -2.79 26.06
N THR B 205 12.28 -3.09 25.84
CA THR B 205 11.84 -4.48 25.63
C THR B 205 12.11 -4.95 24.21
N ILE B 206 12.27 -3.99 23.30
CA ILE B 206 12.15 -4.28 21.89
C ILE B 206 13.46 -4.05 21.12
N ASN B 207 13.68 -4.86 20.08
CA ASN B 207 14.77 -4.58 19.14
C ASN B 207 14.23 -3.67 18.03
N PHE B 208 14.04 -2.39 18.36
CA PHE B 208 13.61 -1.40 17.38
C PHE B 208 14.71 -1.11 16.36
N VAL B 209 14.38 -1.31 15.09
CA VAL B 209 15.33 -1.18 13.99
C VAL B 209 15.08 0.10 13.17
N GLY B 210 14.10 0.89 13.58
CA GLY B 210 13.86 2.18 12.94
C GLY B 210 12.80 2.10 11.86
N ASN B 211 12.89 3.00 10.90
CA ASN B 211 11.87 3.13 9.86
C ASN B 211 12.08 2.13 8.76
N VAL B 212 11.00 1.45 8.37
CA VAL B 212 11.03 0.64 7.17
C VAL B 212 10.08 1.23 6.12
N GLU B 213 10.49 1.12 4.87
CA GLU B 213 9.76 1.64 3.75
C GLU B 213 8.98 0.55 3.03
N ALA B 214 7.81 0.92 2.53
CA ALA B 214 6.85 -0.03 2.01
C ALA B 214 7.32 -0.77 0.76
N ARG B 215 8.25 -0.16 0.00
CA ARG B 215 8.78 -0.77 -1.22
C ARG B 215 9.54 -2.07 -0.94
N GLU B 216 10.09 -2.18 0.27
CA GLU B 216 11.01 -3.24 0.61
C GLU B 216 10.42 -4.28 1.57
N LEU B 217 9.11 -4.22 1.80
CA LEU B 217 8.46 -5.07 2.80
C LEU B 217 8.62 -6.57 2.54
N LEU B 218 8.55 -6.96 1.27
CA LEU B 218 8.72 -8.35 0.88
C LEU B 218 10.19 -8.84 0.88
N ASN B 219 11.14 -7.97 1.22
CA ASN B 219 12.56 -8.35 1.13
C ASN B 219 13.25 -8.56 2.48
N GLY B 220 12.46 -8.85 3.50
CA GLY B 220 13.01 -9.23 4.80
C GLY B 220 13.72 -8.12 5.55
N VAL B 221 13.21 -6.89 5.43
CA VAL B 221 13.81 -5.77 6.15
C VAL B 221 13.55 -5.78 7.67
N ALA B 222 12.55 -6.54 8.10
CA ALA B 222 12.26 -6.69 9.52
C ALA B 222 11.54 -7.99 9.80
N ASP B 223 11.53 -8.40 11.07
CA ASP B 223 10.86 -9.62 11.49
C ASP B 223 9.44 -9.32 11.93
N VAL B 224 9.22 -8.07 12.36
CA VAL B 224 7.92 -7.55 12.82
C VAL B 224 7.78 -6.15 12.23
N VAL B 225 6.73 -5.90 11.45
CA VAL B 225 6.48 -4.54 10.96
C VAL B 225 5.23 -3.98 11.60
N VAL B 226 5.34 -2.77 12.13
CA VAL B 226 4.28 -2.17 12.91
C VAL B 226 3.63 -0.96 12.20
N THR B 227 2.30 -0.88 12.29
CA THR B 227 1.56 0.15 11.59
C THR B 227 0.16 0.30 12.15
N ASP B 228 -0.52 1.39 11.79
CA ASP B 228 -1.94 1.51 12.14
C ASP B 228 -2.78 0.64 11.20
N GLY B 229 -3.95 0.24 11.68
CA GLY B 229 -4.87 -0.59 10.91
C GLY B 229 -5.34 -0.06 9.58
N PHE B 230 -5.39 1.26 9.40
CA PHE B 230 -5.84 1.80 8.12
C PHE B 230 -4.74 1.64 7.07
N THR B 231 -3.55 2.11 7.40
CA THR B 231 -2.38 1.92 6.55
C THR B 231 -2.12 0.44 6.30
N GLY B 232 -2.15 -0.40 7.35
CA GLY B 232 -1.84 -1.83 7.18
C GLY B 232 -2.80 -2.56 6.24
N ASN B 233 -4.08 -2.23 6.33
CA ASN B 233 -5.06 -2.73 5.39
C ASN B 233 -4.73 -2.30 3.96
N ALA B 234 -4.51 -1.00 3.77
CA ALA B 234 -4.17 -0.48 2.45
C ALA B 234 -2.91 -1.12 1.87
N VAL B 235 -1.87 -1.28 2.69
CA VAL B 235 -0.61 -1.90 2.28
C VAL B 235 -0.84 -3.37 1.89
N LEU B 236 -1.44 -4.15 2.79
CA LEU B 236 -1.68 -5.57 2.51
C LEU B 236 -2.46 -5.76 1.22
N LYS B 237 -3.60 -5.08 1.10
N LYS B 237 -3.60 -5.08 1.08
CA LYS B 237 -4.45 -5.23 -0.08
CA LYS B 237 -4.44 -5.27 -0.10
C LYS B 237 -3.81 -4.72 -1.36
C LYS B 237 -3.86 -4.66 -1.38
N SER B 238 -2.93 -3.72 -1.23
CA SER B 238 -2.14 -3.21 -2.37
C SER B 238 -1.17 -4.25 -2.89
N ILE B 239 -0.48 -4.92 -1.96
CA ILE B 239 0.41 -6.04 -2.25
C ILE B 239 -0.33 -7.20 -2.94
N GLU B 240 -1.43 -7.64 -2.35
CA GLU B 240 -2.24 -8.70 -2.93
C GLU B 240 -2.78 -8.35 -4.31
N GLY B 241 -3.36 -7.16 -4.44
CA GLY B 241 -3.92 -6.71 -5.70
C GLY B 241 -2.88 -6.60 -6.81
N THR B 242 -1.70 -6.10 -6.47
CA THR B 242 -0.59 -6.06 -7.41
C THR B 242 -0.09 -7.45 -7.78
N ALA B 243 0.11 -8.32 -6.77
CA ALA B 243 0.56 -9.70 -7.04
C ALA B 243 -0.42 -10.44 -7.93
N MSE B 244 -1.73 -10.28 -7.68
CA MSE B 244 -2.75 -10.98 -8.48
C MSE B 244 -2.82 -10.46 -9.91
O MSE B 244 -3.09 -11.23 -10.83
CB MSE B 244 -4.15 -10.95 -7.81
CG MSE B 244 -4.86 -9.62 -7.81
SE MSE B 244 -6.73 -9.58 -8.53
CE MSE B 244 -6.28 -9.91 -10.43
N ASN B 245 -2.58 -9.17 -10.08
CA ASN B 245 -2.53 -8.59 -11.40
C ASN B 245 -1.32 -9.02 -12.24
N MSE B 246 -0.19 -9.19 -11.59
CA MSE B 246 0.99 -9.70 -12.26
C MSE B 246 0.72 -11.16 -12.69
O MSE B 246 1.02 -11.54 -13.80
CB MSE B 246 2.24 -9.60 -11.37
CG MSE B 246 2.66 -8.16 -10.99
SE MSE B 246 2.80 -6.88 -12.52
CE MSE B 246 1.01 -6.06 -12.45
N MSE B 247 0.12 -11.93 -11.78
CA MSE B 247 -0.21 -13.32 -12.02
C MSE B 247 -1.18 -13.50 -13.18
O MSE B 247 -1.04 -14.43 -13.97
CB MSE B 247 -0.78 -13.94 -10.75
CG MSE B 247 0.27 -14.51 -9.81
SE MSE B 247 -0.37 -14.88 -8.00
CE MSE B 247 -2.28 -14.99 -8.28
N SER B 248 -2.18 -12.61 -13.27
CA SER B 248 -3.12 -12.58 -14.38
C SER B 248 -2.44 -12.34 -15.73
N LEU B 249 -1.37 -11.54 -15.76
CA LEU B 249 -0.65 -11.30 -17.00
C LEU B 249 0.00 -12.58 -17.51
N LEU B 250 0.58 -13.38 -16.61
CA LEU B 250 1.11 -14.67 -16.96
C LEU B 250 0.00 -15.63 -17.40
N LYS B 251 -1.07 -15.74 -16.60
CA LYS B 251 -2.22 -16.59 -16.93
C LYS B 251 -2.81 -16.36 -18.32
N THR B 252 -2.90 -15.09 -18.71
CA THR B 252 -3.32 -14.74 -20.07
C THR B 252 -2.31 -15.17 -21.16
N ALA B 253 -1.00 -15.08 -20.86
CA ALA B 253 0.03 -15.54 -21.81
C ALA B 253 -0.06 -17.06 -22.01
N ILE B 254 0.11 -17.82 -20.93
CA ILE B 254 -0.38 -19.19 -20.86
C ILE B 254 -1.84 -19.05 -21.29
N LEU B 255 -2.44 -20.06 -21.89
CA LEU B 255 -3.85 -19.94 -22.31
C LEU B 255 -4.04 -19.14 -23.61
N SER B 256 -2.95 -18.55 -24.12
CA SER B 256 -2.93 -18.01 -25.46
C SER B 256 -2.17 -18.94 -26.40
N GLY B 264 7.52 -24.08 -24.63
CA GLY B 264 7.87 -22.83 -23.95
C GLY B 264 6.73 -22.27 -23.13
N ALA B 265 5.57 -22.93 -23.23
CA ALA B 265 4.40 -22.62 -22.42
C ALA B 265 4.63 -23.10 -20.98
N LEU B 266 5.49 -24.12 -20.87
CA LEU B 266 5.83 -24.75 -19.62
C LEU B 266 6.67 -23.86 -18.72
N LEU B 267 7.56 -23.09 -19.33
CA LEU B 267 8.40 -22.20 -18.58
C LEU B 267 7.56 -21.08 -17.97
N LEU B 268 6.46 -20.72 -18.64
CA LEU B 268 5.50 -19.74 -18.12
C LEU B 268 4.69 -20.27 -16.93
N LYS B 269 4.08 -21.44 -17.08
N LYS B 269 4.08 -21.44 -17.10
CA LYS B 269 3.30 -22.01 -15.98
CA LYS B 269 3.32 -22.11 -16.05
C LYS B 269 4.13 -22.32 -14.75
C LYS B 269 4.16 -22.23 -14.78
N ASN B 270 5.41 -22.65 -14.94
CA ASN B 270 6.34 -22.79 -13.83
C ASN B 270 6.62 -21.43 -13.16
N ALA B 271 6.63 -20.38 -13.97
CA ALA B 271 6.88 -19.03 -13.47
C ALA B 271 5.66 -18.57 -12.67
N LEU B 272 4.46 -18.77 -13.21
CA LEU B 272 3.23 -18.48 -12.49
C LEU B 272 3.13 -19.28 -11.18
N HIS B 273 3.37 -20.58 -11.25
CA HIS B 273 3.31 -21.44 -10.07
C HIS B 273 4.29 -20.99 -9.00
N GLY B 274 5.52 -20.66 -9.38
CA GLY B 274 6.54 -20.20 -8.43
C GLY B 274 6.20 -18.88 -7.77
N MSE B 275 5.54 -18.01 -8.53
CA MSE B 275 5.02 -16.72 -8.09
C MSE B 275 3.87 -16.86 -7.05
O MSE B 275 3.86 -16.18 -6.02
CB MSE B 275 4.56 -15.93 -9.32
CG MSE B 275 3.96 -14.59 -9.08
SE MSE B 275 4.06 -13.46 -10.70
CE MSE B 275 3.34 -14.65 -12.02
N LYS B 276 2.92 -17.76 -7.33
CA LYS B 276 1.85 -18.12 -6.40
C LYS B 276 2.42 -18.68 -5.09
N ASP B 277 3.40 -19.56 -5.19
N ASP B 277 3.40 -19.56 -5.22
CA ASP B 277 4.07 -20.15 -4.03
CA ASP B 277 4.13 -20.16 -4.09
C ASP B 277 4.77 -19.13 -3.12
C ASP B 277 4.75 -19.13 -3.15
N GLU B 278 5.50 -18.18 -3.72
CA GLU B 278 6.15 -17.08 -2.96
C GLU B 278 5.15 -16.19 -2.21
N MSE B 279 3.94 -16.05 -2.74
CA MSE B 279 2.92 -15.14 -2.21
C MSE B 279 1.86 -15.88 -1.37
O MSE B 279 0.97 -15.25 -0.83
CB MSE B 279 2.25 -14.38 -3.37
CG MSE B 279 3.19 -13.41 -4.11
SE MSE B 279 4.06 -12.06 -2.94
CE MSE B 279 2.40 -11.27 -2.24
N ASP B 280 1.98 -17.20 -1.27
CA ASP B 280 1.01 -18.05 -0.58
C ASP B 280 1.23 -18.09 0.95
N TYR B 281 1.14 -16.94 1.60
CA TYR B 281 1.45 -16.82 3.04
C TYR B 281 0.50 -17.53 4.04
N SER B 282 -0.62 -18.10 3.58
CA SER B 282 -1.53 -18.78 4.51
C SER B 282 -1.00 -20.15 4.94
N LYS B 283 0.10 -20.56 4.31
CA LYS B 283 0.87 -21.73 4.71
C LYS B 283 1.48 -21.57 6.11
N HIS B 284 1.61 -20.31 6.54
CA HIS B 284 2.09 -20.00 7.89
C HIS B 284 0.97 -19.89 8.91
N GLY B 285 -0.26 -19.97 8.44
CA GLY B 285 -1.40 -19.81 9.32
C GLY B 285 -2.28 -18.65 8.88
N GLY B 286 -3.41 -18.48 9.57
CA GLY B 286 -4.33 -17.39 9.32
C GLY B 286 -3.92 -16.10 9.99
N ALA B 287 -4.82 -15.14 9.94
CA ALA B 287 -4.58 -13.83 10.56
C ALA B 287 -4.94 -13.90 12.05
N VAL B 288 -4.01 -13.57 12.92
CA VAL B 288 -4.27 -13.60 14.34
C VAL B 288 -4.98 -12.32 14.79
N LEU B 289 -6.08 -12.48 15.50
CA LEU B 289 -6.68 -11.39 16.27
C LEU B 289 -5.95 -11.35 17.61
N PHE B 290 -4.84 -10.59 17.64
CA PHE B 290 -3.81 -10.71 18.68
C PHE B 290 -3.94 -9.63 19.74
N GLY B 291 -3.66 -9.99 20.98
CA GLY B 291 -3.86 -9.09 22.11
C GLY B 291 -5.17 -9.44 22.77
N LEU B 292 -5.76 -10.54 22.33
CA LEU B 292 -6.93 -11.13 22.98
C LEU B 292 -6.56 -12.24 23.96
N LYS B 293 -7.55 -12.63 24.77
CA LYS B 293 -7.38 -13.49 25.92
C LYS B 293 -7.14 -14.95 25.54
N ALA B 294 -7.52 -15.33 24.32
CA ALA B 294 -7.23 -16.65 23.77
C ALA B 294 -6.84 -16.51 22.28
N PRO B 295 -6.20 -17.56 21.69
CA PRO B 295 -5.95 -17.52 20.25
C PRO B 295 -7.23 -17.47 19.44
N VAL B 296 -7.36 -16.40 18.66
CA VAL B 296 -8.45 -16.31 17.70
C VAL B 296 -7.90 -15.96 16.35
N ILE B 297 -8.21 -16.79 15.37
CA ILE B 297 -7.61 -16.60 14.07
C ILE B 297 -8.63 -16.57 12.96
N LYS B 298 -8.43 -15.62 12.04
CA LYS B 298 -9.21 -15.51 10.81
C LYS B 298 -8.51 -16.27 9.65
N THR B 299 -9.15 -17.34 9.20
CA THR B 299 -8.68 -18.12 8.07
C THR B 299 -9.25 -17.44 6.82
N HIS B 300 -8.47 -17.34 5.75
CA HIS B 300 -8.95 -16.58 4.58
C HIS B 300 -10.27 -17.11 3.99
N GLY B 301 -11.05 -16.22 3.38
CA GLY B 301 -12.41 -16.57 2.90
C GLY B 301 -12.46 -17.67 1.85
N ALA B 302 -11.47 -17.69 0.96
CA ALA B 302 -11.40 -18.63 -0.17
C ALA B 302 -10.72 -19.96 0.20
N THR B 303 -10.55 -20.21 1.51
CA THR B 303 -9.78 -21.35 2.00
C THR B 303 -10.28 -22.69 1.48
N GLY B 304 -9.34 -23.57 1.18
CA GLY B 304 -9.63 -24.99 1.05
C GLY B 304 -9.22 -25.67 2.35
N PRO B 305 -9.03 -27.01 2.31
CA PRO B 305 -8.56 -27.73 3.49
C PRO B 305 -7.14 -27.36 3.94
N ASP B 306 -6.26 -26.99 3.01
CA ASP B 306 -4.87 -26.64 3.37
C ASP B 306 -4.75 -25.49 4.39
N ALA B 307 -5.41 -24.36 4.12
CA ALA B 307 -5.28 -23.18 4.99
C ALA B 307 -5.98 -23.36 6.36
N VAL B 308 -7.03 -24.19 6.39
CA VAL B 308 -7.64 -24.65 7.66
C VAL B 308 -6.64 -25.47 8.51
N ARG B 309 -5.99 -26.44 7.86
CA ARG B 309 -4.99 -27.30 8.47
C ARG B 309 -3.79 -26.51 9.01
N TYR B 310 -3.34 -25.49 8.27
CA TYR B 310 -2.24 -24.60 8.69
C TYR B 310 -2.67 -23.70 9.84
N THR B 311 -3.95 -23.33 9.85
CA THR B 311 -4.54 -22.58 10.94
C THR B 311 -4.48 -23.41 12.22
N ILE B 312 -4.94 -24.67 12.15
CA ILE B 312 -4.85 -25.56 13.31
C ILE B 312 -3.41 -25.76 13.85
N ARG B 313 -2.45 -25.97 12.96
N ARG B 313 -2.45 -25.97 12.95
CA ARG B 313 -1.03 -26.07 13.35
CA ARG B 313 -1.02 -26.07 13.34
C ARG B 313 -0.56 -24.82 14.10
C ARG B 313 -0.51 -24.81 14.08
N GLN B 314 -0.95 -23.65 13.59
CA GLN B 314 -0.60 -22.37 14.19
C GLN B 314 -1.16 -22.26 15.61
N ILE B 315 -2.45 -22.60 15.80
CA ILE B 315 -3.01 -22.58 17.16
C ILE B 315 -2.39 -23.60 18.09
N HIS B 316 -2.12 -24.81 17.59
CA HIS B 316 -1.35 -25.79 18.35
C HIS B 316 -0.07 -25.16 18.89
N THR B 317 0.71 -24.53 18.01
CA THR B 317 1.97 -23.87 18.42
C THR B 317 1.74 -22.73 19.44
N MSE B 318 0.70 -21.92 19.22
CA MSE B 318 0.38 -20.80 20.11
C MSE B 318 0.05 -21.34 21.50
O MSE B 318 0.64 -20.91 22.49
CB MSE B 318 -0.77 -19.94 19.58
CG MSE B 318 -0.40 -19.18 18.33
SE MSE B 318 -1.81 -18.09 17.55
CE MSE B 318 -3.08 -19.27 17.28
N LEU B 319 -0.86 -22.30 21.55
CA LEU B 319 -1.16 -23.03 22.79
C LEU B 319 0.10 -23.68 23.42
N GLU B 320 0.80 -24.55 22.68
CA GLU B 320 2.01 -25.21 23.21
C GLU B 320 3.07 -24.28 23.79
N THR B 321 3.40 -23.20 23.05
CA THR B 321 4.37 -22.18 23.50
C THR B 321 3.86 -21.26 24.60
N GLN B 322 2.55 -21.27 24.82
N GLN B 322 2.55 -21.28 24.82
CA GLN B 322 1.88 -20.43 25.83
CA GLN B 322 1.91 -20.42 25.81
C GLN B 322 2.04 -18.93 25.56
C GLN B 322 2.23 -18.95 25.54
N VAL B 323 2.09 -18.55 24.27
CA VAL B 323 2.33 -17.16 23.86
C VAL B 323 1.33 -16.15 24.49
N VAL B 324 0.05 -16.52 24.55
CA VAL B 324 -0.95 -15.64 25.16
C VAL B 324 -0.66 -15.45 26.68
N PRO B 325 -0.58 -16.56 27.47
CA PRO B 325 -0.08 -16.46 28.85
C PRO B 325 1.16 -15.56 29.07
N GLN B 326 2.20 -15.72 28.26
CA GLN B 326 3.37 -14.82 28.32
C GLN B 326 3.06 -13.34 28.00
N LEU B 327 1.99 -13.08 27.25
CA LEU B 327 1.61 -11.69 26.98
C LEU B 327 0.76 -11.08 28.12
N VAL B 328 0.00 -11.94 28.79
CA VAL B 328 -0.72 -11.52 29.99
C VAL B 328 0.30 -11.11 31.06
N GLU B 329 1.22 -12.04 31.38
N GLU B 329 1.26 -12.00 31.33
CA GLU B 329 2.28 -11.77 32.32
CA GLU B 329 2.29 -11.77 32.36
C GLU B 329 2.87 -10.40 32.05
C GLU B 329 3.41 -10.80 31.95
N TYR B 330 3.24 -10.17 30.80
CA TYR B 330 3.98 -8.97 30.40
C TYR B 330 3.17 -7.71 30.73
N TYR B 331 1.87 -7.78 30.50
CA TYR B 331 0.98 -6.64 30.65
C TYR B 331 0.20 -6.62 31.97
C1 EDO C . -22.80 12.47 -6.45
O1 EDO C . -24.10 13.05 -6.30
C2 EDO C . -22.02 12.68 -5.16
O2 EDO C . -21.08 13.75 -5.28
C1 EOH D . 0.05 13.73 -21.00
C2 EOH D . -1.00 13.47 -19.90
O EOH D . -0.34 14.75 -21.89
C1 EOH E . -7.84 10.54 11.28
C2 EOH E . -8.65 11.68 11.91
O EOH E . -8.61 9.42 10.88
C1 EOH F . 7.70 4.38 -13.74
C2 EOH F . 8.97 4.11 -12.93
O EOH F . 7.83 4.12 -15.13
C1 EOH G . 17.45 -6.36 22.91
C2 EOH G . 15.97 -6.61 23.21
O EOH G . 17.66 -5.25 22.06
#